data_6N0V
#
_entry.id   6N0V
#
_cell.length_a   155.231
_cell.length_b   114.071
_cell.length_c   68.200
_cell.angle_alpha   90.00
_cell.angle_beta   100.36
_cell.angle_gamma   90.00
#
_symmetry.space_group_name_H-M   'C 1 2 1'
#
loop_
_entity.id
_entity.type
_entity.pdbx_description
1 polymer 'tRNA ligase'
2 non-polymer 'MANGANESE (II) ION'
3 water water
#
_entity_poly.entity_id   1
_entity_poly.type   'polypeptide(L)'
_entity_poly.pdbx_seq_one_letter_code
;MDGTAEKQRDSLASRYKASTDYAKDAEGLTAPYVSQDPQETAALVRALDDAAKKGKKSGGFSVKKTRYAVASSPTGAEVD
SWRFNDWDYKKPDLPTYARGLFTTRTQHGVPEIAVRGYDKFFNIDETRDTAWSAIRERTKGPYELTL(APK)ENGCIIFI
SGLEDGTLLVCSKHSTGDRSDVALSHSSAGEKHLEAQLERIGKTKEELARELRKRNATAVAELCDDSFEEHILAYGPDKA
GLYLHGINLNIPEFITYPSPLVQKFAEDWGFRKTGLIIIDNIDDVKAFLEEVAETGAHDGRDVEGFVIRCKKSTNPGVGP
YHDWFFKYKFEEPYLMYRQWRECTKALISGKQPKIKKHVKITEEYLLYARKRLAADPKLAKLYNQNHGIIKLRNDFLEYK
NMKGTDAANLE
;
_entity_poly.pdbx_strand_id   A,B
#
# COMPACT_ATOMS: atom_id res chain seq x y z
N ALA A 13 25.24 -21.82 16.86
CA ALA A 13 23.81 -21.66 16.59
C ALA A 13 23.59 -21.33 15.12
N SER A 14 24.10 -22.21 14.25
CA SER A 14 23.80 -22.18 12.83
C SER A 14 22.60 -23.04 12.47
N ARG A 15 21.77 -23.40 13.46
CA ARG A 15 20.60 -24.22 13.15
C ARG A 15 19.45 -23.41 12.59
N TYR A 16 19.81 -22.40 11.80
CA TYR A 16 18.95 -21.78 10.82
C TYR A 16 19.33 -22.33 9.45
N LYS A 17 18.36 -22.90 8.74
CA LYS A 17 18.53 -23.35 7.37
C LYS A 17 17.87 -22.32 6.45
N ALA A 18 18.48 -22.07 5.30
CA ALA A 18 17.84 -21.28 4.28
C ALA A 18 16.65 -22.04 3.71
N SER A 19 15.61 -21.30 3.33
CA SER A 19 14.42 -21.93 2.80
C SER A 19 13.83 -21.10 1.66
N THR A 20 13.19 -21.81 0.76
CA THR A 20 12.39 -21.27 -0.33
C THR A 20 11.02 -21.91 -0.28
N ASP A 21 10.51 -22.12 0.93
CA ASP A 21 9.16 -22.62 1.11
C ASP A 21 8.25 -21.63 1.83
N TYR A 22 8.73 -20.42 2.13
CA TYR A 22 7.91 -19.42 2.81
C TYR A 22 6.66 -19.05 1.99
N ALA A 23 6.75 -19.19 0.67
CA ALA A 23 5.81 -18.54 -0.24
C ALA A 23 4.37 -18.77 0.18
N LYS A 24 3.99 -20.02 0.37
CA LYS A 24 2.60 -20.29 0.64
C LYS A 24 2.24 -19.98 2.08
N ASP A 25 3.22 -19.87 2.96
CA ASP A 25 2.95 -19.37 4.31
C ASP A 25 2.91 -17.84 4.35
N ALA A 26 3.10 -17.18 3.22
CA ALA A 26 2.91 -15.74 3.06
C ALA A 26 1.48 -15.35 2.88
N GLU A 27 0.56 -16.25 3.25
CA GLU A 27 -0.85 -16.05 2.95
C GLU A 27 -1.47 -14.93 3.77
N GLY A 28 -0.97 -14.71 4.98
CA GLY A 28 -1.47 -13.66 5.84
C GLY A 28 -0.83 -12.28 5.68
N LEU A 29 0.14 -12.11 4.79
CA LEU A 29 0.74 -10.80 4.54
C LEU A 29 0.09 -10.12 3.33
N THR A 30 0.00 -8.80 3.40
CA THR A 30 -0.42 -7.96 2.27
C THR A 30 0.81 -7.26 1.69
N ALA A 31 0.97 -7.32 0.38
CA ALA A 31 2.06 -6.60 -0.24
C ALA A 31 1.81 -5.09 -0.16
N PRO A 32 2.85 -4.29 0.10
CA PRO A 32 2.67 -2.84 0.19
C PRO A 32 2.19 -2.27 -1.13
N TYR A 33 1.34 -1.24 -1.06
CA TYR A 33 0.91 -0.66 -2.32
C TYR A 33 0.54 0.79 -2.12
N VAL A 34 1.12 1.63 -2.96
CA VAL A 34 0.88 3.06 -3.02
C VAL A 34 0.82 3.40 -4.50
N SER A 35 -0.08 4.30 -4.86
CA SER A 35 -0.09 4.77 -6.23
C SER A 35 0.98 5.85 -6.40
N GLN A 36 1.44 6.02 -7.65
CA GLN A 36 2.34 7.12 -7.95
C GLN A 36 1.60 8.46 -7.94
N ASP A 37 2.18 9.47 -7.31
CA ASP A 37 1.63 10.81 -7.36
C ASP A 37 2.34 11.61 -8.45
N PRO A 38 1.67 12.00 -9.53
CA PRO A 38 2.38 12.64 -10.64
C PRO A 38 2.98 13.99 -10.30
N GLN A 39 2.46 14.72 -9.33
CA GLN A 39 3.15 15.95 -8.98
C GLN A 39 4.50 15.65 -8.34
N GLU A 40 4.53 14.74 -7.36
CA GLU A 40 5.81 14.45 -6.71
C GLU A 40 6.79 13.80 -7.68
N THR A 41 6.30 12.96 -8.60
CA THR A 41 7.17 12.39 -9.61
C THR A 41 7.81 13.49 -10.45
N ALA A 42 6.99 14.37 -11.02
CA ALA A 42 7.53 15.47 -11.82
C ALA A 42 8.45 16.35 -10.99
N ALA A 43 8.22 16.47 -9.68
CA ALA A 43 9.16 17.25 -8.86
C ALA A 43 10.50 16.52 -8.73
N LEU A 44 10.48 15.20 -8.66
CA LEU A 44 11.73 14.47 -8.62
C LEU A 44 12.48 14.64 -9.94
N VAL A 45 11.77 14.56 -11.07
CA VAL A 45 12.42 14.71 -12.36
C VAL A 45 13.10 16.08 -12.50
N ARG A 46 12.48 17.18 -12.00
CA ARG A 46 13.22 18.43 -12.14
C ARG A 46 14.42 18.46 -11.20
N ALA A 47 14.36 17.77 -10.06
CA ALA A 47 15.56 17.73 -9.22
C ALA A 47 16.69 16.97 -9.92
N LEU A 48 16.39 15.83 -10.54
CA LEU A 48 17.41 15.07 -11.26
C LEU A 48 17.91 15.83 -12.48
N ASP A 49 17.00 16.49 -13.21
CA ASP A 49 17.40 17.28 -14.37
C ASP A 49 18.41 18.35 -13.98
N ASP A 50 18.20 19.03 -12.85
CA ASP A 50 19.15 20.05 -12.42
C ASP A 50 20.46 19.43 -11.97
N ALA A 51 20.43 18.22 -11.41
CA ALA A 51 21.69 17.57 -11.09
C ALA A 51 22.45 17.14 -12.35
N ALA A 52 21.73 16.91 -13.45
CA ALA A 52 22.29 16.48 -14.72
C ALA A 52 22.92 17.60 -15.52
N LYS A 53 23.02 18.79 -14.96
CA LYS A 53 23.47 19.96 -15.69
C LYS A 53 24.85 20.33 -15.18
N LYS A 54 25.76 20.62 -16.11
CA LYS A 54 27.17 20.62 -15.79
C LYS A 54 27.78 22.00 -15.54
N GLY A 55 27.00 23.06 -15.51
CA GLY A 55 27.66 24.33 -15.24
C GLY A 55 27.25 25.04 -13.95
N LYS A 56 26.39 24.44 -13.13
CA LYS A 56 25.81 25.23 -12.04
C LYS A 56 26.81 25.45 -10.91
N LYS A 57 26.48 26.42 -10.05
CA LYS A 57 27.27 26.82 -8.90
C LYS A 57 26.94 26.01 -7.65
N SER A 58 25.66 25.71 -7.42
CA SER A 58 25.16 24.98 -6.27
C SER A 58 24.67 23.59 -6.69
N GLY A 59 23.84 22.96 -5.84
CA GLY A 59 23.31 21.63 -6.09
C GLY A 59 24.38 20.56 -6.18
N GLY A 60 25.10 20.34 -5.07
CA GLY A 60 26.29 19.51 -5.04
C GLY A 60 26.17 17.99 -5.04
N PHE A 61 25.56 17.43 -6.09
CA PHE A 61 25.60 16.01 -6.37
C PHE A 61 25.27 15.83 -7.84
N SER A 62 26.00 14.94 -8.50
CA SER A 62 25.91 14.80 -9.95
C SER A 62 25.08 13.57 -10.33
N VAL A 63 24.36 13.68 -11.43
CA VAL A 63 23.68 12.52 -12.03
C VAL A 63 23.94 12.56 -13.53
N LYS A 64 23.94 11.39 -14.14
CA LYS A 64 24.01 11.27 -15.58
C LYS A 64 22.64 10.79 -16.03
N LYS A 65 22.09 11.46 -17.03
CA LYS A 65 20.78 11.12 -17.56
C LYS A 65 20.98 10.50 -18.93
N THR A 66 20.54 9.26 -19.06
CA THR A 66 20.47 8.60 -20.35
C THR A 66 19.02 8.25 -20.56
N ARG A 67 18.43 8.85 -21.59
CA ARG A 67 17.15 8.35 -22.12
C ARG A 67 17.38 6.97 -22.70
N TYR A 68 16.32 6.17 -22.80
CA TYR A 68 16.41 4.93 -23.57
C TYR A 68 15.10 4.71 -24.32
N ALA A 69 15.18 4.20 -25.54
CA ALA A 69 14.00 3.86 -26.32
C ALA A 69 13.59 2.40 -26.12
N VAL A 70 12.32 2.19 -25.84
CA VAL A 70 11.77 0.84 -25.65
C VAL A 70 11.40 0.29 -27.01
N ALA A 71 12.22 -0.64 -27.51
CA ALA A 71 12.02 -1.13 -28.86
C ALA A 71 10.73 -1.93 -28.97
N SER A 72 10.37 -2.64 -27.91
CA SER A 72 9.23 -3.53 -27.95
C SER A 72 7.90 -2.82 -27.68
N SER A 73 7.88 -1.48 -27.73
CA SER A 73 6.72 -0.73 -27.27
C SER A 73 5.91 -0.17 -28.41
N PRO A 74 4.58 -0.35 -28.38
CA PRO A 74 3.72 0.22 -29.44
C PRO A 74 3.50 1.72 -29.33
N THR A 75 3.53 2.28 -28.12
CA THR A 75 3.37 3.72 -28.00
C THR A 75 4.61 4.52 -28.44
N GLY A 76 5.67 3.90 -28.96
CA GLY A 76 6.94 4.61 -29.08
C GLY A 76 7.47 5.10 -27.76
N ALA A 77 7.27 4.34 -26.68
CA ALA A 77 7.67 4.78 -25.35
C ALA A 77 9.18 4.92 -25.23
N GLU A 78 9.60 5.81 -24.32
CA GLU A 78 10.99 6.00 -24.00
C GLU A 78 11.10 6.11 -22.48
N VAL A 79 12.29 5.80 -21.97
CA VAL A 79 12.60 5.84 -20.54
C VAL A 79 13.91 6.57 -20.36
N ASP A 80 14.06 7.28 -19.24
CA ASP A 80 15.33 7.89 -18.90
C ASP A 80 15.94 7.12 -17.74
N SER A 81 17.23 6.82 -17.86
CA SER A 81 17.98 6.10 -16.84
C SER A 81 18.79 7.11 -16.07
N TRP A 82 18.73 7.05 -14.74
CA TRP A 82 19.43 8.00 -13.88
C TRP A 82 20.50 7.29 -13.08
N ARG A 83 21.73 7.77 -13.21
CA ARG A 83 22.92 7.20 -12.58
C ARG A 83 23.59 8.28 -11.75
N PHE A 84 23.80 8.02 -10.45
CA PHE A 84 24.54 8.90 -9.56
C PHE A 84 25.99 8.46 -9.44
N ASN A 85 26.86 9.41 -9.08
CA ASN A 85 28.20 9.04 -8.64
C ASN A 85 28.09 8.20 -7.37
N ASP A 86 28.95 7.18 -7.27
CA ASP A 86 28.81 6.18 -6.20
C ASP A 86 28.89 6.83 -4.83
N TRP A 87 29.74 7.85 -4.66
CA TRP A 87 29.90 8.46 -3.35
C TRP A 87 28.72 9.34 -2.93
N ASP A 88 27.84 9.72 -3.87
CA ASP A 88 26.74 10.61 -3.51
C ASP A 88 25.74 9.92 -2.57
N TYR A 89 25.64 8.58 -2.63
CA TYR A 89 24.73 7.90 -1.72
C TYR A 89 25.18 7.98 -0.27
N LYS A 90 26.40 8.43 0.00
CA LYS A 90 26.85 8.69 1.36
C LYS A 90 26.60 10.12 1.80
N LYS A 91 25.84 10.92 0.99
CA LYS A 91 25.44 12.26 1.37
C LYS A 91 23.97 12.31 1.76
N PRO A 92 23.60 13.22 2.65
CA PRO A 92 22.18 13.37 3.01
C PRO A 92 21.46 14.24 2.00
N ASP A 93 20.12 14.12 2.02
CA ASP A 93 19.23 14.95 1.23
C ASP A 93 19.35 14.65 -0.27
N LEU A 94 19.66 13.43 -0.66
CA LEU A 94 19.50 13.07 -2.05
C LEU A 94 18.00 13.04 -2.36
N PRO A 95 17.58 13.38 -3.59
CA PRO A 95 16.15 13.33 -3.92
C PRO A 95 15.59 11.92 -3.94
N THR A 96 16.47 10.93 -4.11
CA THR A 96 16.14 9.52 -3.97
C THR A 96 17.46 8.78 -3.83
N TYR A 97 17.46 7.68 -3.08
CA TYR A 97 18.64 6.85 -2.92
C TYR A 97 18.54 5.59 -3.74
N ALA A 98 17.55 5.54 -4.62
CA ALA A 98 17.42 4.45 -5.55
C ALA A 98 18.72 4.30 -6.36
N ARG A 99 19.14 3.06 -6.57
CA ARG A 99 20.31 2.88 -7.43
C ARG A 99 19.82 2.80 -8.87
N GLY A 100 19.28 1.66 -9.30
CA GLY A 100 18.72 1.67 -10.64
C GLY A 100 17.47 2.58 -10.66
N LEU A 101 17.34 3.51 -11.60
CA LEU A 101 16.17 4.40 -11.57
C LEU A 101 15.83 4.89 -12.98
N PHE A 102 14.63 4.53 -13.45
CA PHE A 102 14.15 4.89 -14.78
C PHE A 102 12.81 5.63 -14.68
N THR A 103 12.71 6.78 -15.33
CA THR A 103 11.45 7.50 -15.45
C THR A 103 10.96 7.44 -16.90
N THR A 104 9.67 7.72 -17.10
CA THR A 104 9.07 7.69 -18.42
C THR A 104 7.91 8.68 -18.48
N ARG A 105 7.22 8.72 -19.61
CA ARG A 105 6.02 9.55 -19.78
C ARG A 105 4.93 8.73 -20.48
N THR A 106 3.78 8.58 -19.82
CA THR A 106 2.67 7.83 -20.38
C THR A 106 2.19 8.43 -21.69
N GLN A 107 1.60 7.58 -22.55
CA GLN A 107 1.03 8.06 -23.81
C GLN A 107 -0.06 9.11 -23.61
N HIS A 108 -0.60 9.23 -22.40
CA HIS A 108 -1.49 10.33 -22.02
C HIS A 108 -0.75 11.43 -21.25
N GLY A 109 0.56 11.50 -21.36
CA GLY A 109 1.31 12.63 -20.81
C GLY A 109 1.56 12.64 -19.31
N VAL A 110 1.31 11.56 -18.57
CA VAL A 110 1.61 11.59 -17.13
C VAL A 110 3.02 11.09 -16.84
N PRO A 111 3.83 11.83 -16.07
CA PRO A 111 5.16 11.35 -15.68
C PRO A 111 5.12 10.27 -14.62
N GLU A 112 5.98 9.26 -14.79
CA GLU A 112 5.93 8.08 -13.94
C GLU A 112 7.33 7.56 -13.71
N ILE A 113 7.51 6.81 -12.63
CA ILE A 113 8.72 6.02 -12.43
C ILE A 113 8.48 4.63 -13.02
N ALA A 114 9.27 4.30 -14.06
CA ALA A 114 9.14 3.01 -14.73
C ALA A 114 9.86 1.90 -13.96
N VAL A 115 11.01 2.20 -13.37
CA VAL A 115 11.87 1.21 -12.72
C VAL A 115 12.47 1.84 -11.46
N ARG A 116 12.34 1.16 -10.32
CA ARG A 116 12.91 1.63 -9.05
C ARG A 116 13.71 0.49 -8.44
N GLY A 117 15.05 0.61 -8.43
CA GLY A 117 15.87 -0.39 -7.79
C GLY A 117 15.85 -0.26 -6.26
N TYR A 118 16.64 -1.11 -5.60
CA TYR A 118 16.88 -0.93 -4.18
C TYR A 118 17.54 0.41 -3.90
N ASP A 119 17.49 0.84 -2.64
CA ASP A 119 18.43 1.87 -2.19
C ASP A 119 19.85 1.31 -2.24
N LYS A 120 20.82 2.15 -2.62
CA LYS A 120 22.21 1.70 -2.54
C LYS A 120 22.50 1.25 -1.11
N PHE A 121 23.01 0.03 -0.95
CA PHE A 121 23.33 -0.49 0.38
C PHE A 121 24.79 -0.95 0.40
N PHE A 122 25.33 -1.07 1.61
CA PHE A 122 26.77 -1.20 1.79
C PHE A 122 27.13 -2.40 2.65
N ASN A 123 28.39 -2.82 2.56
CA ASN A 123 28.92 -3.92 3.36
C ASN A 123 29.19 -3.46 4.81
N ILE A 124 29.29 -4.43 5.73
CA ILE A 124 29.62 -4.09 7.11
C ILE A 124 30.90 -3.28 7.14
N ASP A 125 30.88 -2.20 7.91
CA ASP A 125 32.00 -1.31 8.18
C ASP A 125 32.39 -0.41 7.01
N GLU A 126 31.73 -0.49 5.84
CA GLU A 126 32.16 0.35 4.75
C GLU A 126 31.52 1.74 4.83
N THR A 127 30.54 1.89 5.70
CA THR A 127 29.97 3.18 6.09
C THR A 127 29.79 3.14 7.59
N ARG A 128 29.36 4.26 8.14
CA ARG A 128 29.22 4.30 9.58
C ARG A 128 27.88 3.76 10.06
N ASP A 129 26.87 3.71 9.20
CA ASP A 129 25.63 3.01 9.52
C ASP A 129 25.79 1.49 9.46
N THR A 130 26.82 0.97 8.79
CA THR A 130 27.03 -0.47 8.70
C THR A 130 28.06 -0.99 9.71
N ALA A 131 28.33 -0.22 10.77
CA ALA A 131 29.09 -0.74 11.89
C ALA A 131 28.17 -1.57 12.79
N TRP A 132 28.71 -2.66 13.32
CA TRP A 132 27.91 -3.58 14.14
C TRP A 132 27.26 -2.85 15.31
N SER A 133 27.99 -1.94 15.94
CA SER A 133 27.41 -1.20 17.04
C SER A 133 26.26 -0.32 16.58
N ALA A 134 26.35 0.21 15.36
CA ALA A 134 25.27 1.07 14.87
C ALA A 134 24.05 0.25 14.46
N ILE A 135 24.25 -0.85 13.72
CA ILE A 135 23.15 -1.74 13.36
C ILE A 135 22.39 -2.22 14.60
N ARG A 136 23.14 -2.51 15.68
CA ARG A 136 22.56 -2.89 16.98
C ARG A 136 21.84 -1.73 17.67
N GLU A 137 22.09 -0.49 17.24
CA GLU A 137 21.52 0.66 17.92
C GLU A 137 20.36 1.29 17.18
N ARG A 138 20.34 1.26 15.84
CA ARG A 138 19.34 1.96 15.08
C ARG A 138 18.42 1.07 14.24
N THR A 139 18.67 -0.22 14.14
CA THR A 139 17.79 -1.08 13.36
C THR A 139 16.84 -1.87 14.24
N LYS A 140 15.80 -2.41 13.60
CA LYS A 140 14.73 -3.14 14.28
C LYS A 140 14.37 -4.36 13.43
N GLY A 141 14.14 -5.49 14.09
CA GLY A 141 13.88 -6.74 13.40
C GLY A 141 12.40 -6.98 13.19
N PRO A 142 12.01 -8.22 12.79
CA PRO A 142 12.88 -9.38 12.53
C PRO A 142 13.79 -9.20 11.31
N TYR A 143 15.03 -9.64 11.45
CA TYR A 143 16.00 -9.46 10.39
C TYR A 143 15.84 -10.56 9.35
N GLU A 144 15.66 -10.15 8.08
CA GLU A 144 15.61 -11.06 6.94
C GLU A 144 17.01 -11.21 6.36
N LEU A 145 17.50 -12.45 6.35
CA LEU A 145 18.80 -12.80 5.75
C LEU A 145 18.50 -13.51 4.44
N THR A 146 18.80 -12.85 3.32
CA THR A 146 18.58 -13.40 1.98
C THR A 146 19.91 -13.74 1.32
N LEU A 147 19.98 -14.93 0.73
CA LEU A 147 21.16 -15.36 -0.03
C LEU A 147 21.56 -14.37 -1.13
N GLU A 149 22.81 -14.04 -4.23
CA GLU A 149 23.16 -14.77 -5.45
C GLU A 149 24.08 -13.91 -6.30
N ASN A 150 24.93 -14.57 -7.09
CA ASN A 150 26.15 -13.97 -7.64
C ASN A 150 25.99 -13.93 -9.16
N GLY A 151 25.53 -12.80 -9.66
CA GLY A 151 25.28 -12.64 -11.08
C GLY A 151 25.21 -11.17 -11.46
N CYS A 152 24.23 -10.79 -12.27
CA CYS A 152 24.01 -9.40 -12.62
C CYS A 152 22.54 -9.05 -12.39
N ILE A 153 22.29 -7.81 -12.00
CA ILE A 153 20.95 -7.40 -11.60
C ILE A 153 20.11 -7.16 -12.85
N ILE A 154 18.81 -7.48 -12.75
CA ILE A 154 17.84 -7.27 -13.82
C ILE A 154 16.59 -6.68 -13.20
N PHE A 155 16.05 -5.62 -13.80
CA PHE A 155 14.81 -5.00 -13.38
C PHE A 155 13.72 -5.33 -14.41
N ILE A 156 12.52 -5.66 -13.93
CA ILE A 156 11.36 -5.92 -14.80
C ILE A 156 10.17 -5.12 -14.29
N SER A 157 9.53 -4.36 -15.17
CA SER A 157 8.31 -3.66 -14.78
C SER A 157 7.37 -3.56 -15.97
N GLY A 158 6.19 -3.02 -15.73
CA GLY A 158 5.22 -2.93 -16.81
C GLY A 158 4.82 -1.51 -17.13
N LEU A 159 4.86 -1.15 -18.40
CA LEU A 159 4.53 0.22 -18.78
C LEU A 159 3.02 0.37 -19.03
N GLU A 160 2.59 1.63 -19.15
CA GLU A 160 1.17 1.96 -19.26
C GLU A 160 0.55 1.34 -20.51
N ASP A 161 1.29 1.30 -21.59
CA ASP A 161 0.80 0.67 -22.81
C ASP A 161 0.85 -0.86 -22.78
N GLY A 162 1.16 -1.47 -21.64
CA GLY A 162 1.30 -2.91 -21.60
C GLY A 162 2.66 -3.44 -21.99
N THR A 163 3.64 -2.60 -22.29
CA THR A 163 4.97 -3.12 -22.61
C THR A 163 5.66 -3.67 -21.36
N LEU A 164 6.22 -4.86 -21.50
CA LEU A 164 7.08 -5.42 -20.46
C LEU A 164 8.49 -4.86 -20.67
N LEU A 165 9.04 -4.20 -19.65
CA LEU A 165 10.29 -3.48 -19.77
C LEU A 165 11.35 -4.20 -18.94
N VAL A 166 12.45 -4.57 -19.58
CA VAL A 166 13.54 -5.31 -18.95
C VAL A 166 14.78 -4.42 -18.96
N CYS A 167 15.34 -4.17 -17.79
CA CYS A 167 16.52 -3.34 -17.67
C CYS A 167 17.62 -4.08 -16.91
N SER A 168 18.86 -3.80 -17.29
CA SER A 168 20.00 -4.12 -16.43
C SER A 168 20.17 -2.97 -15.44
N LYS A 169 21.23 -2.98 -14.65
CA LYS A 169 21.52 -1.77 -13.90
C LYS A 169 21.90 -0.72 -14.92
N HIS A 170 21.13 0.36 -14.98
CA HIS A 170 21.34 1.54 -15.83
C HIS A 170 21.04 1.42 -17.32
N SER A 171 20.71 0.26 -17.89
CA SER A 171 20.56 0.19 -19.35
C SER A 171 19.42 -0.74 -19.75
N THR A 172 18.93 -0.55 -21.00
CA THR A 172 17.88 -1.39 -21.58
C THR A 172 18.01 -1.50 -23.10
N GLY A 173 17.53 -2.63 -23.63
CA GLY A 173 17.59 -2.85 -25.05
C GLY A 173 18.99 -3.20 -25.51
N ASP A 174 19.22 -3.09 -26.82
CA ASP A 174 20.49 -3.43 -27.42
C ASP A 174 21.35 -2.17 -27.57
N ARG A 175 22.65 -2.32 -27.38
CA ARG A 175 23.58 -1.20 -27.42
C ARG A 175 24.71 -1.54 -28.41
N SER A 176 25.24 -0.52 -29.06
CA SER A 176 26.37 -0.69 -29.97
C SER A 176 27.69 -0.88 -29.23
N ASP A 177 27.62 -1.10 -27.93
CA ASP A 177 28.79 -1.14 -27.08
C ASP A 177 29.15 -2.56 -26.64
N VAL A 178 28.21 -3.50 -26.68
CA VAL A 178 28.48 -4.88 -26.28
C VAL A 178 27.84 -5.82 -27.29
N ALA A 179 28.21 -7.09 -27.20
CA ALA A 179 27.74 -8.09 -28.14
C ALA A 179 26.31 -8.52 -27.82
N LEU A 180 26.01 -8.74 -26.56
CA LEU A 180 24.63 -9.02 -26.13
C LEU A 180 24.43 -8.38 -24.75
N SER A 181 23.56 -7.38 -24.68
CA SER A 181 23.37 -6.63 -23.45
C SER A 181 22.83 -7.51 -22.32
N HIS A 182 23.12 -7.09 -21.08
CA HIS A 182 22.62 -7.85 -19.94
C HIS A 182 21.10 -7.93 -19.96
N SER A 183 20.44 -6.82 -20.32
CA SER A 183 18.98 -6.80 -20.28
C SER A 183 18.39 -7.70 -21.37
N SER A 184 19.03 -7.77 -22.54
CA SER A 184 18.53 -8.69 -23.56
C SER A 184 18.66 -10.13 -23.11
N ALA A 185 19.81 -10.50 -22.53
CA ALA A 185 19.99 -11.83 -21.99
C ALA A 185 18.94 -12.10 -20.92
N GLY A 186 18.69 -11.11 -20.07
CA GLY A 186 17.64 -11.26 -19.07
C GLY A 186 16.26 -11.37 -19.70
N GLU A 187 15.99 -10.58 -20.74
CA GLU A 187 14.66 -10.66 -21.34
C GLU A 187 14.46 -12.02 -21.98
N LYS A 188 15.50 -12.62 -22.55
CA LYS A 188 15.34 -13.94 -23.16
C LYS A 188 15.08 -15.03 -22.11
N HIS A 189 15.71 -14.93 -20.93
CA HIS A 189 15.40 -15.87 -19.85
C HIS A 189 13.96 -15.70 -19.37
N LEU A 190 13.49 -14.46 -19.27
CA LEU A 190 12.11 -14.20 -18.86
C LEU A 190 11.11 -14.83 -19.83
N GLU A 191 11.38 -14.76 -21.14
CA GLU A 191 10.47 -15.34 -22.12
C GLU A 191 10.35 -16.84 -21.97
N ALA A 192 11.47 -17.53 -21.72
CA ALA A 192 11.41 -18.97 -21.54
C ALA A 192 10.65 -19.32 -20.26
N GLN A 193 10.95 -18.60 -19.18
CA GLN A 193 10.30 -18.80 -17.90
C GLN A 193 8.78 -18.74 -18.03
N LEU A 194 8.24 -17.74 -18.74
CA LEU A 194 6.80 -17.55 -18.81
C LEU A 194 6.11 -18.63 -19.66
N GLU A 195 6.72 -19.01 -20.79
CA GLU A 195 6.13 -20.03 -21.63
C GLU A 195 6.04 -21.38 -20.91
N ARG A 196 7.06 -21.70 -20.11
CA ARG A 196 7.08 -22.94 -19.34
C ARG A 196 5.90 -23.03 -18.37
N ILE A 197 5.40 -21.91 -17.87
CA ILE A 197 4.27 -21.90 -16.93
C ILE A 197 3.02 -21.37 -17.61
N GLY A 198 3.02 -21.31 -18.94
CA GLY A 198 1.81 -20.93 -19.68
C GLY A 198 1.34 -19.52 -19.43
N LYS A 199 2.23 -18.61 -19.06
CA LYS A 199 1.88 -17.21 -18.89
C LYS A 199 2.62 -16.40 -19.94
N THR A 200 2.10 -15.21 -20.24
CA THR A 200 2.69 -14.35 -21.26
C THR A 200 3.31 -13.10 -20.63
N LYS A 201 4.05 -12.39 -21.48
CA LYS A 201 4.73 -11.16 -21.07
C LYS A 201 3.73 -10.08 -20.68
N GLU A 202 2.68 -9.90 -21.47
CA GLU A 202 1.75 -8.81 -21.16
C GLU A 202 1.02 -9.06 -19.86
N GLU A 203 0.77 -10.34 -19.52
CA GLU A 203 0.18 -10.64 -18.21
C GLU A 203 1.12 -10.24 -17.09
N LEU A 204 2.42 -10.51 -17.27
CA LEU A 204 3.39 -10.04 -16.28
C LEU A 204 3.51 -8.53 -16.29
N ALA A 205 3.53 -7.92 -17.48
CA ALA A 205 3.52 -6.47 -17.56
C ALA A 205 2.28 -5.91 -16.89
N ARG A 206 1.11 -6.48 -17.20
CA ARG A 206 -0.12 -5.98 -16.58
C ARG A 206 -0.07 -6.13 -15.07
N GLU A 207 0.44 -7.28 -14.58
CA GLU A 207 0.56 -7.51 -13.15
C GLU A 207 1.48 -6.50 -12.46
N LEU A 208 2.69 -6.30 -13.00
CA LEU A 208 3.67 -5.48 -12.31
C LEU A 208 3.21 -4.03 -12.22
N ARG A 209 2.48 -3.56 -13.24
CA ARG A 209 1.92 -2.21 -13.17
C ARG A 209 0.77 -2.15 -12.18
N LYS A 210 -0.01 -3.24 -12.10
CA LYS A 210 -1.10 -3.32 -11.14
C LYS A 210 -0.57 -3.18 -9.72
N ARG A 211 0.62 -3.67 -9.46
CA ARG A 211 1.25 -3.55 -8.15
C ARG A 211 2.06 -2.28 -8.00
N ASN A 212 2.14 -1.46 -9.05
CA ASN A 212 3.03 -0.30 -9.18
C ASN A 212 4.44 -0.67 -8.74
N ALA A 213 5.01 -1.65 -9.45
CA ALA A 213 6.15 -2.34 -8.86
C ALA A 213 7.22 -2.64 -9.88
N THR A 214 8.47 -2.57 -9.43
CA THR A 214 9.63 -3.14 -10.12
C THR A 214 9.99 -4.48 -9.50
N ALA A 215 10.07 -5.51 -10.35
CA ALA A 215 10.64 -6.79 -9.93
C ALA A 215 12.16 -6.77 -10.10
N VAL A 216 12.86 -7.27 -9.08
CA VAL A 216 14.32 -7.23 -8.95
C VAL A 216 14.88 -8.64 -8.92
N ALA A 217 15.50 -9.06 -10.01
CA ALA A 217 16.07 -10.39 -10.11
C ALA A 217 17.58 -10.33 -10.29
N GLU A 218 18.24 -11.45 -9.96
CA GLU A 218 19.64 -11.64 -10.30
C GLU A 218 19.72 -12.64 -11.44
N LEU A 219 20.36 -12.26 -12.54
CA LEU A 219 20.54 -13.16 -13.67
C LEU A 219 21.84 -13.92 -13.44
N CYS A 220 21.73 -15.24 -13.34
CA CYS A 220 22.82 -16.13 -12.96
C CYS A 220 22.88 -17.23 -14.00
N ASP A 221 23.90 -17.19 -14.86
CA ASP A 221 23.97 -18.17 -15.94
C ASP A 221 25.36 -18.11 -16.56
N ASP A 222 26.07 -19.25 -16.57
CA ASP A 222 27.46 -19.27 -17.04
C ASP A 222 27.57 -19.24 -18.55
N SER A 223 26.51 -19.63 -19.26
CA SER A 223 26.46 -19.43 -20.71
C SER A 223 26.61 -17.96 -21.07
N PHE A 224 26.20 -17.06 -20.19
CA PHE A 224 26.27 -15.63 -20.50
C PHE A 224 27.52 -14.93 -19.96
N GLU A 225 27.64 -14.87 -18.65
CA GLU A 225 28.66 -14.09 -17.98
C GLU A 225 28.87 -14.77 -16.63
N GLU A 226 29.96 -15.48 -16.52
CA GLU A 226 30.22 -16.31 -15.35
C GLU A 226 30.95 -15.50 -14.29
N HIS A 227 30.46 -15.59 -13.05
CA HIS A 227 31.00 -14.84 -11.94
C HIS A 227 31.85 -15.75 -11.08
N ILE A 228 31.70 -15.81 -9.75
CA ILE A 228 32.60 -16.57 -8.92
C ILE A 228 32.03 -17.91 -8.47
N LEU A 229 30.70 -18.05 -8.45
CA LEU A 229 30.05 -19.34 -8.24
C LEU A 229 29.29 -19.72 -9.51
N ALA A 230 29.19 -21.02 -9.76
CA ALA A 230 28.76 -21.53 -11.06
C ALA A 230 27.25 -21.64 -11.17
N TYR A 231 26.76 -21.45 -12.40
CA TYR A 231 25.34 -21.57 -12.72
C TYR A 231 25.23 -22.25 -14.08
N GLY A 232 25.20 -23.58 -14.07
CA GLY A 232 25.12 -24.35 -15.28
C GLY A 232 23.72 -24.30 -15.87
N PRO A 233 23.46 -25.16 -16.86
CA PRO A 233 22.11 -25.23 -17.43
C PRO A 233 21.05 -25.60 -16.41
N ASP A 234 21.41 -26.48 -15.47
CA ASP A 234 20.59 -26.79 -14.30
C ASP A 234 20.17 -25.54 -13.50
N LYS A 235 21.15 -24.77 -13.00
CA LYS A 235 20.95 -23.65 -12.10
C LYS A 235 20.58 -22.32 -12.78
N ALA A 236 20.74 -22.23 -14.09
CA ALA A 236 20.65 -20.93 -14.76
C ALA A 236 19.22 -20.41 -14.78
N GLY A 237 19.10 -19.09 -14.77
CA GLY A 237 17.82 -18.42 -14.88
C GLY A 237 17.82 -17.13 -14.08
N LEU A 238 16.63 -16.64 -13.76
CA LEU A 238 16.49 -15.41 -12.99
C LEU A 238 16.07 -15.75 -11.57
N TYR A 239 16.88 -15.33 -10.61
CA TYR A 239 16.58 -15.50 -9.19
C TYR A 239 15.94 -14.21 -8.69
N LEU A 240 14.70 -14.30 -8.23
CA LEU A 240 13.94 -13.15 -7.75
C LEU A 240 14.29 -12.89 -6.29
N HIS A 241 14.78 -11.68 -5.98
CA HIS A 241 15.05 -11.35 -4.58
C HIS A 241 14.40 -10.07 -4.09
N GLY A 242 13.64 -9.35 -4.92
CA GLY A 242 12.98 -8.16 -4.44
C GLY A 242 11.83 -7.73 -5.31
N ILE A 243 10.87 -7.04 -4.70
CA ILE A 243 9.88 -6.25 -5.41
C ILE A 243 9.79 -4.89 -4.71
N ASN A 244 9.92 -3.81 -5.47
CA ASN A 244 9.89 -2.46 -4.93
C ASN A 244 8.78 -1.64 -5.56
N LEU A 245 8.19 -0.76 -4.77
CA LEU A 245 7.19 0.15 -5.30
C LEU A 245 7.86 1.27 -6.12
N ASN A 246 7.27 1.58 -7.27
CA ASN A 246 7.79 2.61 -8.17
C ASN A 246 7.42 3.99 -7.65
N ILE A 247 8.10 4.40 -6.58
CA ILE A 247 7.91 5.69 -5.90
C ILE A 247 9.26 6.25 -5.44
N PRO A 248 9.35 7.52 -5.06
CA PRO A 248 10.67 8.08 -4.72
C PRO A 248 11.31 7.42 -3.50
N GLU A 249 10.56 7.18 -2.43
CA GLU A 249 11.18 6.50 -1.32
C GLU A 249 11.22 4.99 -1.55
N PHE A 250 11.87 4.30 -0.62
CA PHE A 250 12.19 2.90 -0.80
C PHE A 250 11.24 2.12 0.09
N ILE A 251 10.35 1.37 -0.55
CA ILE A 251 9.44 0.46 0.14
C ILE A 251 9.46 -0.84 -0.64
N THR A 252 9.76 -1.93 0.05
CA THR A 252 10.07 -3.20 -0.60
C THR A 252 9.23 -4.34 0.00
N TYR A 253 8.97 -5.37 -0.81
CA TYR A 253 8.18 -6.51 -0.33
C TYR A 253 8.94 -7.34 0.71
N PRO A 254 8.30 -7.73 1.81
CA PRO A 254 8.92 -8.78 2.64
C PRO A 254 9.18 -10.03 1.80
N SER A 255 10.25 -10.74 2.13
CA SER A 255 10.69 -11.85 1.28
C SER A 255 9.68 -12.98 1.09
N PRO A 256 8.88 -13.38 2.09
CA PRO A 256 7.87 -14.40 1.80
C PRO A 256 6.99 -14.06 0.61
N LEU A 257 6.65 -12.78 0.42
CA LEU A 257 5.80 -12.47 -0.72
C LEU A 257 6.60 -12.46 -2.01
N VAL A 258 7.89 -12.22 -1.92
CA VAL A 258 8.72 -12.31 -3.12
C VAL A 258 8.77 -13.75 -3.58
N GLN A 259 8.92 -14.68 -2.64
CA GLN A 259 8.92 -16.08 -3.01
C GLN A 259 7.60 -16.52 -3.61
N LYS A 260 6.47 -15.99 -3.10
CA LYS A 260 5.18 -16.33 -3.69
C LYS A 260 5.07 -15.79 -5.11
N PHE A 261 5.58 -14.58 -5.32
CA PHE A 261 5.61 -14.02 -6.67
C PHE A 261 6.52 -14.86 -7.58
N ALA A 262 7.69 -15.26 -7.07
CA ALA A 262 8.57 -16.10 -7.88
C ALA A 262 7.85 -17.35 -8.32
N GLU A 263 7.07 -17.96 -7.42
CA GLU A 263 6.33 -19.17 -7.76
C GLU A 263 5.21 -18.89 -8.75
N ASP A 264 4.61 -17.71 -8.71
CA ASP A 264 3.50 -17.45 -9.61
C ASP A 264 3.96 -17.06 -11.02
N TRP A 265 5.21 -16.62 -11.20
CA TRP A 265 5.63 -16.23 -12.54
C TRP A 265 6.93 -16.93 -12.95
N GLY A 266 7.30 -17.99 -12.23
CA GLY A 266 8.33 -18.92 -12.68
C GLY A 266 9.77 -18.55 -12.36
N PHE A 267 10.01 -17.52 -11.55
CA PHE A 267 11.38 -17.18 -11.18
C PHE A 267 11.98 -18.23 -10.24
N ARG A 268 13.30 -18.33 -10.26
CA ARG A 268 13.99 -19.02 -9.19
C ARG A 268 13.85 -18.20 -7.93
N LYS A 269 13.79 -18.87 -6.79
CA LYS A 269 13.61 -18.17 -5.53
C LYS A 269 14.93 -17.96 -4.80
N THR A 270 14.97 -16.90 -4.01
CA THR A 270 16.13 -16.54 -3.21
C THR A 270 15.92 -17.02 -1.78
N GLY A 271 16.90 -17.77 -1.27
CA GLY A 271 16.77 -18.35 0.04
C GLY A 271 16.70 -17.30 1.13
N LEU A 272 15.93 -17.62 2.17
CA LEU A 272 15.56 -16.69 3.23
C LEU A 272 15.71 -17.34 4.59
N ILE A 273 16.29 -16.60 5.53
CA ILE A 273 16.28 -16.94 6.96
C ILE A 273 15.83 -15.69 7.71
N ILE A 274 14.93 -15.87 8.67
CA ILE A 274 14.48 -14.77 9.51
C ILE A 274 15.05 -14.99 10.90
N ILE A 275 15.72 -13.99 11.42
CA ILE A 275 16.32 -14.04 12.74
C ILE A 275 15.81 -12.84 13.54
N ASP A 276 15.30 -13.10 14.74
CA ASP A 276 14.61 -12.04 15.48
C ASP A 276 15.60 -11.09 16.17
N ASN A 277 16.59 -11.63 16.87
CA ASN A 277 17.54 -10.82 17.63
C ASN A 277 18.78 -10.51 16.80
N ILE A 278 19.22 -9.25 16.81
CA ILE A 278 20.33 -8.85 15.94
C ILE A 278 21.63 -9.50 16.39
N ASP A 279 21.78 -9.77 17.70
CA ASP A 279 22.97 -10.47 18.17
C ASP A 279 23.03 -11.91 17.62
N ASP A 280 21.87 -12.54 17.40
CA ASP A 280 21.85 -13.85 16.74
C ASP A 280 22.21 -13.75 15.27
N VAL A 281 21.80 -12.67 14.60
CA VAL A 281 22.22 -12.41 13.22
C VAL A 281 23.74 -12.32 13.14
N LYS A 282 24.34 -11.52 14.04
CA LYS A 282 25.78 -11.32 14.00
C LYS A 282 26.50 -12.62 14.34
N ALA A 283 26.00 -13.36 15.34
CA ALA A 283 26.62 -14.64 15.65
C ALA A 283 26.45 -15.62 14.50
N PHE A 284 25.28 -15.60 13.85
CA PHE A 284 25.05 -16.51 12.74
C PHE A 284 26.03 -16.24 11.61
N LEU A 285 26.05 -15.00 11.12
CA LEU A 285 26.84 -14.67 9.94
C LEU A 285 28.32 -14.99 10.15
N GLU A 286 28.86 -14.63 11.32
CA GLU A 286 30.28 -14.91 11.58
C GLU A 286 30.56 -16.40 11.65
N GLU A 287 29.55 -17.21 12.02
CA GLU A 287 29.73 -18.65 12.06
C GLU A 287 29.75 -19.24 10.65
N VAL A 288 28.87 -18.76 9.76
CA VAL A 288 28.89 -19.21 8.36
C VAL A 288 30.20 -18.79 7.67
N ALA A 289 30.78 -17.64 8.05
CA ALA A 289 31.99 -17.13 7.43
C ALA A 289 33.25 -17.94 7.77
N GLU A 290 33.17 -18.87 8.73
CA GLU A 290 34.30 -19.75 9.01
C GLU A 290 34.47 -20.81 7.91
N THR A 291 33.48 -20.99 7.05
CA THR A 291 33.54 -21.96 5.96
C THR A 291 33.15 -21.39 4.62
N GLY A 292 32.47 -20.25 4.57
CA GLY A 292 31.90 -19.69 3.35
C GLY A 292 30.83 -20.56 2.73
N ALA A 293 30.39 -21.60 3.44
CA ALA A 293 29.37 -22.51 2.95
C ALA A 293 28.19 -22.53 3.92
N HIS A 294 27.04 -22.93 3.40
CA HIS A 294 25.82 -23.00 4.20
C HIS A 294 24.95 -24.10 3.63
N ASP A 295 24.49 -25.01 4.50
CA ASP A 295 23.56 -26.09 4.13
C ASP A 295 24.10 -26.90 2.96
N GLY A 296 25.42 -27.15 2.95
CA GLY A 296 26.03 -27.91 1.89
C GLY A 296 26.39 -27.11 0.65
N ARG A 297 25.86 -25.90 0.49
CA ARG A 297 26.18 -25.06 -0.66
C ARG A 297 27.18 -23.98 -0.26
N ASP A 298 27.99 -23.57 -1.24
CA ASP A 298 28.84 -22.40 -1.04
C ASP A 298 28.04 -21.13 -1.32
N VAL A 299 28.29 -20.08 -0.52
CA VAL A 299 27.55 -18.84 -0.64
C VAL A 299 28.49 -17.66 -0.46
N GLU A 300 28.43 -16.71 -1.41
CA GLU A 300 29.25 -15.51 -1.37
C GLU A 300 28.80 -14.50 -0.30
N GLY A 301 27.54 -14.53 0.13
CA GLY A 301 27.10 -13.66 1.19
C GLY A 301 25.59 -13.67 1.42
N PHE A 302 25.18 -12.87 2.39
CA PHE A 302 23.79 -12.65 2.69
C PHE A 302 23.47 -11.17 2.52
N VAL A 303 22.28 -10.87 2.02
CA VAL A 303 21.74 -9.54 2.12
C VAL A 303 20.77 -9.52 3.29
N ILE A 304 21.02 -8.63 4.25
CA ILE A 304 20.23 -8.53 5.47
C ILE A 304 19.25 -7.37 5.31
N ARG A 305 17.94 -7.64 5.44
CA ARG A 305 16.91 -6.63 5.28
C ARG A 305 16.16 -6.46 6.59
N CYS A 306 15.84 -5.22 6.92
CA CYS A 306 15.43 -4.83 8.25
C CYS A 306 14.93 -3.39 8.20
N LYS A 307 14.60 -2.80 9.34
CA LYS A 307 14.09 -1.42 9.41
C LYS A 307 15.06 -0.55 10.20
N LYS A 308 15.31 0.66 9.72
CA LYS A 308 16.26 1.56 10.36
C LYS A 308 15.64 2.94 10.50
N SER A 309 16.08 3.67 11.53
CA SER A 309 15.73 5.08 11.71
C SER A 309 17.00 5.93 11.61
N THR A 310 16.89 7.08 10.93
CA THR A 310 17.95 8.07 10.87
C THR A 310 18.83 8.18 12.11
N ASN A 311 18.24 8.68 13.18
CA ASN A 311 18.73 8.63 14.53
C ASN A 311 17.72 7.86 15.35
N PRO A 312 18.15 7.08 16.34
CA PRO A 312 17.26 6.06 16.90
C PRO A 312 16.00 6.61 17.56
N GLY A 313 15.73 7.90 17.41
CA GLY A 313 14.65 8.56 18.09
C GLY A 313 13.42 8.73 17.23
N VAL A 314 12.57 9.68 17.65
CA VAL A 314 11.32 9.97 16.98
C VAL A 314 11.52 10.17 15.49
N GLY A 315 10.63 9.58 14.71
CA GLY A 315 10.62 9.79 13.29
C GLY A 315 10.52 8.53 12.46
N PRO A 316 11.58 8.24 11.72
CA PRO A 316 11.50 7.24 10.67
C PRO A 316 11.62 5.81 11.18
N TYR A 317 11.14 4.89 10.35
CA TYR A 317 11.50 3.48 10.33
C TYR A 317 11.26 3.00 8.91
N HIS A 318 12.24 3.24 8.05
CA HIS A 318 12.28 2.80 6.67
C HIS A 318 13.00 1.46 6.49
N ASP A 319 12.57 0.77 5.44
CA ASP A 319 13.26 -0.43 5.00
C ASP A 319 14.72 -0.10 4.73
N TRP A 320 15.60 -0.98 5.16
CA TRP A 320 17.03 -0.76 5.10
C TRP A 320 17.73 -2.12 4.97
N PHE A 321 18.77 -2.14 4.13
CA PHE A 321 19.60 -3.30 3.86
C PHE A 321 21.04 -3.04 4.32
N PHE A 322 21.76 -4.13 4.63
CA PHE A 322 23.22 -4.12 4.59
C PHE A 322 23.69 -5.49 4.10
N LYS A 323 24.87 -5.52 3.48
CA LYS A 323 25.45 -6.77 2.98
C LYS A 323 26.44 -7.34 3.98
N TYR A 324 26.56 -8.67 3.99
CA TYR A 324 27.62 -9.40 4.68
C TYR A 324 28.25 -10.31 3.61
N LYS A 325 29.42 -9.92 3.11
CA LYS A 325 30.09 -10.72 2.10
C LYS A 325 31.12 -11.63 2.73
N PHE A 326 31.16 -12.87 2.25
CA PHE A 326 32.04 -13.89 2.80
C PHE A 326 33.35 -13.82 2.04
N GLU A 327 34.37 -13.78 2.83
CA GLU A 327 35.61 -13.12 2.57
C GLU A 327 36.63 -14.10 2.00
N GLU A 328 36.43 -15.39 2.31
CA GLU A 328 37.14 -16.56 1.84
C GLU A 328 36.16 -17.72 1.82
N PRO A 329 36.32 -18.69 0.89
CA PRO A 329 37.44 -18.91 -0.04
C PRO A 329 37.43 -18.01 -1.26
N TYR A 330 36.56 -17.00 -1.24
CA TYR A 330 36.26 -16.29 -2.47
C TYR A 330 37.36 -15.33 -2.88
N LEU A 331 38.12 -14.79 -1.93
CA LEU A 331 39.26 -13.97 -2.33
C LEU A 331 40.31 -14.82 -3.00
N MET A 332 40.48 -16.05 -2.52
CA MET A 332 41.36 -17.01 -3.16
C MET A 332 40.88 -17.31 -4.59
N TYR A 333 39.57 -17.49 -4.77
CA TYR A 333 39.04 -17.81 -6.09
C TYR A 333 39.32 -16.68 -7.06
N ARG A 334 39.03 -15.45 -6.65
CA ARG A 334 39.40 -14.25 -7.41
C ARG A 334 40.87 -14.26 -7.78
N GLN A 335 41.75 -14.56 -6.82
CA GLN A 335 43.16 -14.55 -7.16
C GLN A 335 43.46 -15.59 -8.22
N TRP A 336 42.84 -16.77 -8.13
CA TRP A 336 43.10 -17.81 -9.12
C TRP A 336 42.56 -17.42 -10.49
N ARG A 337 41.40 -16.75 -10.54
CA ARG A 337 40.85 -16.28 -11.81
C ARG A 337 41.70 -15.17 -12.42
N GLU A 338 42.11 -14.19 -11.62
CA GLU A 338 42.93 -13.12 -12.16
C GLU A 338 44.33 -13.62 -12.50
N CYS A 339 44.86 -14.58 -11.74
CA CYS A 339 46.17 -15.13 -12.07
C CYS A 339 46.11 -15.96 -13.35
N THR A 340 45.02 -16.70 -13.55
CA THR A 340 44.89 -17.45 -14.80
C THR A 340 44.73 -16.51 -15.98
N LYS A 341 43.92 -15.46 -15.81
CA LYS A 341 43.78 -14.45 -16.85
C LYS A 341 45.12 -13.75 -17.13
N ALA A 342 45.91 -13.51 -16.08
CA ALA A 342 47.20 -12.86 -16.27
C ALA A 342 48.16 -13.73 -17.07
N LEU A 343 48.09 -15.03 -16.86
CA LEU A 343 49.04 -15.96 -17.45
C LEU A 343 48.67 -16.33 -18.87
N ILE A 344 47.46 -15.96 -19.32
CA ILE A 344 47.16 -16.14 -20.73
C ILE A 344 47.73 -14.98 -21.54
N SER A 345 47.72 -13.78 -20.98
CA SER A 345 48.41 -12.64 -21.58
C SER A 345 49.91 -12.70 -21.25
N GLY A 346 50.68 -11.76 -21.78
CA GLY A 346 52.12 -11.71 -21.53
C GLY A 346 52.59 -11.20 -20.18
N LYS A 347 51.75 -11.30 -19.15
CA LYS A 347 52.06 -10.75 -17.83
C LYS A 347 52.23 -11.82 -16.75
N GLN A 348 53.23 -11.61 -15.90
CA GLN A 348 53.50 -12.50 -14.78
C GLN A 348 52.35 -12.43 -13.77
N PRO A 349 51.75 -13.57 -13.39
CA PRO A 349 50.72 -13.54 -12.35
C PRO A 349 51.22 -12.98 -11.02
N LYS A 350 50.39 -12.14 -10.41
CA LYS A 350 50.64 -11.60 -9.09
C LYS A 350 50.16 -12.58 -8.03
N ILE A 351 51.00 -12.92 -7.08
CA ILE A 351 50.55 -13.72 -5.94
C ILE A 351 50.61 -12.85 -4.69
N LYS A 352 49.48 -12.68 -4.02
CA LYS A 352 49.37 -11.73 -2.92
C LYS A 352 49.08 -12.43 -1.61
N LYS A 353 48.14 -13.36 -1.61
CA LYS A 353 47.85 -14.19 -0.47
C LYS A 353 47.85 -15.64 -0.94
N HIS A 354 47.84 -16.56 0.02
CA HIS A 354 47.67 -17.97 -0.29
C HIS A 354 48.79 -18.47 -1.20
N VAL A 355 50.03 -18.07 -0.88
CA VAL A 355 51.15 -18.26 -1.82
C VAL A 355 51.29 -19.73 -2.19
N LYS A 356 51.31 -20.62 -1.18
CA LYS A 356 51.68 -22.01 -1.44
C LYS A 356 50.67 -22.71 -2.34
N ILE A 357 49.38 -22.62 -2.02
CA ILE A 357 48.35 -23.27 -2.84
C ILE A 357 48.19 -22.56 -4.18
N THR A 358 48.40 -21.23 -4.22
CA THR A 358 48.27 -20.52 -5.48
C THR A 358 49.33 -20.97 -6.49
N GLU A 359 50.57 -21.20 -6.06
CA GLU A 359 51.58 -21.66 -7.02
C GLU A 359 51.37 -23.14 -7.38
N GLU A 360 50.72 -23.92 -6.51
CA GLU A 360 50.25 -25.26 -6.91
C GLU A 360 49.17 -25.16 -7.98
N TYR A 361 48.19 -24.29 -7.77
CA TYR A 361 47.13 -24.12 -8.77
C TYR A 361 47.68 -23.60 -10.09
N LEU A 362 48.63 -22.67 -10.04
CA LEU A 362 49.19 -22.17 -11.28
C LEU A 362 50.00 -23.26 -11.97
N LEU A 363 50.68 -24.11 -11.18
CA LEU A 363 51.41 -25.26 -11.72
C LEU A 363 50.51 -26.14 -12.57
N TYR A 364 49.30 -26.40 -12.09
CA TYR A 364 48.37 -27.30 -12.78
C TYR A 364 47.66 -26.61 -13.95
N ALA A 365 47.25 -25.36 -13.77
CA ALA A 365 46.63 -24.61 -14.87
C ALA A 365 47.56 -24.50 -16.07
N ARG A 366 48.88 -24.43 -15.85
CA ARG A 366 49.81 -24.36 -16.95
C ARG A 366 49.89 -25.67 -17.72
N LYS A 367 49.71 -26.80 -17.02
CA LYS A 367 49.69 -28.09 -17.70
C LYS A 367 48.46 -28.23 -18.58
N ARG A 368 47.30 -27.81 -18.09
CA ARG A 368 46.07 -27.91 -18.90
C ARG A 368 45.98 -26.83 -19.96
N LEU A 369 46.62 -25.68 -19.75
CA LEU A 369 46.52 -24.61 -20.74
C LEU A 369 47.45 -24.86 -21.93
N ALA A 370 48.57 -25.56 -21.73
CA ALA A 370 49.46 -25.90 -22.83
C ALA A 370 48.94 -27.09 -23.64
N ALA A 371 48.14 -27.96 -23.00
CA ALA A 371 47.62 -29.15 -23.66
C ALA A 371 46.73 -28.75 -24.85
N ASP A 372 45.71 -27.92 -24.60
CA ASP A 372 44.92 -27.35 -25.68
C ASP A 372 44.87 -25.82 -25.57
N PRO A 373 45.37 -25.09 -26.55
CA PRO A 373 45.24 -23.62 -26.52
C PRO A 373 43.79 -23.15 -26.44
N LYS A 374 42.81 -23.95 -26.90
CA LYS A 374 41.46 -23.44 -26.96
C LYS A 374 40.85 -23.24 -25.58
N LEU A 375 41.43 -23.85 -24.56
CA LEU A 375 41.17 -23.42 -23.19
C LEU A 375 41.71 -22.02 -22.92
N ALA A 376 42.88 -21.71 -23.48
CA ALA A 376 43.62 -20.49 -23.15
C ALA A 376 42.91 -19.22 -23.58
N LYS A 377 41.95 -19.29 -24.48
CA LYS A 377 41.22 -18.09 -24.86
C LYS A 377 39.77 -18.05 -24.42
N LEU A 378 39.20 -19.17 -24.12
CA LEU A 378 37.91 -19.18 -23.49
C LEU A 378 37.99 -18.65 -22.07
N TYR A 379 39.22 -18.45 -21.55
CA TYR A 379 39.41 -17.90 -20.21
C TYR A 379 39.66 -16.39 -20.22
N ASN A 380 39.94 -15.78 -21.39
CA ASN A 380 39.96 -14.32 -21.48
C ASN A 380 38.63 -13.75 -21.05
N GLN A 381 37.59 -14.04 -21.85
CA GLN A 381 36.20 -13.91 -21.43
C GLN A 381 35.77 -15.31 -21.02
N ASN A 382 35.15 -15.38 -19.86
CA ASN A 382 35.48 -16.43 -18.91
C ASN A 382 34.60 -17.66 -19.12
N HIS A 383 35.22 -18.66 -19.79
CA HIS A 383 34.88 -20.08 -19.73
C HIS A 383 35.93 -20.80 -18.89
N GLY A 384 35.52 -21.90 -18.26
CA GLY A 384 36.47 -22.75 -17.60
C GLY A 384 36.96 -22.25 -16.28
N ILE A 385 36.40 -21.15 -15.76
CA ILE A 385 36.91 -20.52 -14.54
C ILE A 385 36.70 -21.42 -13.35
N ILE A 386 35.43 -21.71 -13.07
CA ILE A 386 35.15 -22.60 -11.97
C ILE A 386 35.57 -24.02 -12.35
N LYS A 387 35.37 -24.42 -13.60
CA LYS A 387 35.81 -25.73 -14.03
C LYS A 387 37.29 -25.93 -13.75
N LEU A 388 38.14 -24.97 -14.18
CA LEU A 388 39.57 -25.07 -13.86
C LEU A 388 39.81 -25.04 -12.35
N ARG A 389 39.02 -24.24 -11.63
CA ARG A 389 39.16 -24.18 -10.18
C ARG A 389 38.71 -25.49 -9.53
N ASN A 390 37.52 -26.00 -9.91
CA ASN A 390 37.09 -27.22 -9.24
C ASN A 390 37.83 -28.45 -9.72
N ASP A 391 38.45 -28.40 -10.91
CA ASP A 391 39.20 -29.55 -11.39
C ASP A 391 40.43 -29.81 -10.53
N PHE A 392 41.12 -28.74 -10.13
CA PHE A 392 42.28 -28.90 -9.25
C PHE A 392 41.84 -29.11 -7.80
N LEU A 393 40.73 -28.45 -7.42
CA LEU A 393 40.18 -28.64 -6.08
C LEU A 393 40.10 -30.12 -5.70
N GLU A 394 39.66 -30.97 -6.63
CA GLU A 394 39.68 -32.39 -6.29
C GLU A 394 40.81 -33.16 -6.94
N TYR A 395 41.59 -32.53 -7.83
CA TYR A 395 42.91 -33.07 -8.14
C TYR A 395 43.73 -33.18 -6.87
N LYS A 396 43.66 -32.15 -6.02
CA LYS A 396 44.30 -32.17 -4.71
C LYS A 396 43.37 -32.69 -3.61
N ASN A 397 42.14 -33.05 -3.94
CA ASN A 397 41.19 -33.63 -2.98
C ASN A 397 40.92 -32.63 -1.85
N MET A 398 40.42 -31.46 -2.22
CA MET A 398 40.16 -30.38 -1.28
C MET A 398 38.85 -29.71 -1.59
N LYS A 399 38.13 -29.32 -0.55
CA LYS A 399 37.18 -28.24 -0.67
C LYS A 399 37.93 -26.92 -0.67
N GLY A 400 37.43 -25.96 -1.45
CA GLY A 400 38.05 -24.64 -1.50
C GLY A 400 38.30 -24.01 -0.13
N THR A 401 37.47 -24.37 0.88
CA THR A 401 37.66 -23.82 2.22
C THR A 401 38.96 -24.31 2.84
N ASP A 402 39.28 -25.59 2.65
CA ASP A 402 40.49 -26.18 3.21
C ASP A 402 41.73 -25.65 2.51
N ALA A 403 41.67 -25.45 1.19
CA ALA A 403 42.79 -24.84 0.49
C ALA A 403 43.05 -23.43 1.00
N ALA A 404 41.98 -22.70 1.35
CA ALA A 404 42.09 -21.32 1.79
C ALA A 404 42.68 -21.18 3.18
N ASN A 405 42.71 -22.24 3.98
CA ASN A 405 43.33 -22.20 5.30
C ASN A 405 44.56 -23.08 5.38
N LEU A 406 45.12 -23.46 4.24
CA LEU A 406 46.43 -24.08 4.27
C LEU A 406 47.47 -23.09 4.73
N GLU A 407 47.39 -21.86 4.23
CA GLU A 407 48.36 -20.83 4.56
C GLU A 407 49.81 -21.27 4.28
N ALA B 13 -26.54 14.42 -18.65
CA ALA B 13 -27.93 14.56 -18.25
C ALA B 13 -28.39 13.31 -17.53
N SER B 14 -29.37 12.63 -18.13
CA SER B 14 -30.08 11.54 -17.46
C SER B 14 -29.31 10.23 -17.45
N ARG B 15 -28.36 10.02 -18.35
CA ARG B 15 -27.76 8.70 -18.54
C ARG B 15 -26.50 8.49 -17.69
N TYR B 16 -26.55 8.89 -16.43
CA TYR B 16 -25.66 8.39 -15.39
C TYR B 16 -26.54 7.70 -14.35
N LYS B 17 -26.12 6.51 -13.91
CA LYS B 17 -26.95 5.72 -13.03
C LYS B 17 -26.08 4.99 -12.01
N ALA B 18 -26.33 5.23 -10.73
CA ALA B 18 -25.65 4.49 -9.67
C ALA B 18 -25.69 3.00 -9.98
N SER B 19 -24.55 2.36 -9.80
CA SER B 19 -24.42 0.93 -10.02
C SER B 19 -23.76 0.32 -8.80
N THR B 20 -24.10 -0.94 -8.52
CA THR B 20 -23.40 -1.71 -7.51
C THR B 20 -22.73 -2.92 -8.15
N ASP B 21 -22.36 -2.79 -9.42
CA ASP B 21 -21.76 -3.85 -10.21
C ASP B 21 -20.32 -3.52 -10.59
N TYR B 22 -19.58 -2.90 -9.68
CA TYR B 22 -18.22 -2.49 -10.02
C TYR B 22 -17.17 -3.55 -9.68
N ALA B 23 -17.39 -4.37 -8.65
CA ALA B 23 -16.36 -5.31 -8.17
C ALA B 23 -15.76 -6.17 -9.28
N LYS B 24 -16.46 -6.32 -10.40
CA LYS B 24 -15.86 -7.03 -11.53
C LYS B 24 -14.69 -6.24 -12.10
N ASP B 25 -14.84 -4.93 -12.21
CA ASP B 25 -13.75 -4.07 -12.68
C ASP B 25 -12.75 -3.76 -11.58
N ALA B 26 -12.99 -4.22 -10.36
CA ALA B 26 -12.02 -4.18 -9.28
C ALA B 26 -10.89 -5.19 -9.48
N GLU B 27 -10.94 -5.93 -10.59
CA GLU B 27 -9.95 -6.96 -10.86
C GLU B 27 -8.56 -6.36 -11.09
N GLY B 28 -8.48 -5.29 -11.87
CA GLY B 28 -7.18 -4.72 -12.21
C GLY B 28 -6.63 -3.72 -11.22
N LEU B 29 -7.20 -3.61 -10.02
CA LEU B 29 -6.76 -2.67 -9.01
C LEU B 29 -6.29 -3.40 -7.76
N THR B 30 -5.48 -2.68 -6.99
CA THR B 30 -4.85 -3.17 -5.78
C THR B 30 -5.27 -2.23 -4.66
N ALA B 31 -5.72 -2.79 -3.54
CA ALA B 31 -6.03 -1.94 -2.41
C ALA B 31 -4.76 -1.24 -1.92
N PRO B 32 -4.84 0.03 -1.52
CA PRO B 32 -3.72 0.63 -0.79
C PRO B 32 -3.36 -0.26 0.38
N TYR B 33 -2.06 -0.32 0.72
CA TYR B 33 -1.63 -0.96 1.96
C TYR B 33 -0.30 -0.39 2.41
N VAL B 34 -0.28 0.06 3.66
CA VAL B 34 0.89 0.59 4.34
C VAL B 34 0.83 0.05 5.76
N SER B 35 1.99 -0.31 6.32
CA SER B 35 2.00 -0.78 7.69
C SER B 35 1.98 0.40 8.66
N GLN B 36 1.55 0.12 9.89
CA GLN B 36 1.63 1.13 10.94
C GLN B 36 3.08 1.29 11.39
N ASP B 37 3.50 2.53 11.56
CA ASP B 37 4.81 2.79 12.12
C ASP B 37 4.62 3.13 13.59
N PRO B 38 5.10 2.31 14.52
CA PRO B 38 4.79 2.54 15.95
C PRO B 38 5.37 3.82 16.52
N GLN B 39 6.45 4.34 15.95
CA GLN B 39 6.95 5.63 16.39
C GLN B 39 5.99 6.75 16.02
N GLU B 40 5.45 6.72 14.79
CA GLU B 40 4.53 7.78 14.37
C GLU B 40 3.29 7.76 15.24
N THR B 41 2.79 6.56 15.54
CA THR B 41 1.61 6.40 16.38
C THR B 41 1.85 6.94 17.78
N ALA B 42 2.95 6.53 18.38
CA ALA B 42 3.25 7.02 19.73
C ALA B 42 3.36 8.53 19.75
N ALA B 43 3.85 9.13 18.67
CA ALA B 43 3.92 10.58 18.59
C ALA B 43 2.54 11.23 18.45
N LEU B 44 1.64 10.59 17.72
CA LEU B 44 0.29 11.13 17.59
C LEU B 44 -0.46 11.04 18.93
N VAL B 45 -0.33 9.90 19.62
CA VAL B 45 -0.94 9.76 20.96
C VAL B 45 -0.40 10.82 21.91
N ARG B 46 0.91 11.13 21.84
CA ARG B 46 1.43 12.21 22.67
C ARG B 46 0.84 13.57 22.26
N ALA B 47 0.63 13.79 20.97
CA ALA B 47 0.05 15.06 20.57
C ALA B 47 -1.41 15.17 21.05
N LEU B 48 -2.19 14.08 20.94
CA LEU B 48 -3.57 14.08 21.40
C LEU B 48 -3.66 14.17 22.93
N ASP B 49 -2.81 13.43 23.66
CA ASP B 49 -2.86 13.52 25.12
C ASP B 49 -2.67 14.95 25.57
N ASP B 50 -1.70 15.65 24.95
CA ASP B 50 -1.41 17.01 25.37
C ASP B 50 -2.52 17.96 24.97
N ALA B 51 -3.17 17.72 23.84
CA ALA B 51 -4.31 18.54 23.46
C ALA B 51 -5.51 18.23 24.35
N ALA B 52 -5.60 16.99 24.87
CA ALA B 52 -6.70 16.51 25.72
C ALA B 52 -6.64 17.01 27.03
N LYS B 53 -5.79 18.01 27.18
CA LYS B 53 -5.49 18.50 28.50
C LYS B 53 -5.94 19.97 28.64
N LYS B 54 -6.60 20.28 29.76
CA LYS B 54 -7.29 21.55 30.01
C LYS B 54 -6.36 22.42 30.84
N GLY B 55 -6.60 23.74 30.76
CA GLY B 55 -5.81 24.70 31.51
C GLY B 55 -4.47 25.08 30.91
N LYS B 56 -4.11 24.56 29.74
CA LYS B 56 -2.78 24.80 29.22
C LYS B 56 -2.64 26.25 28.76
N LYS B 57 -1.39 26.64 28.49
CA LYS B 57 -1.10 27.99 28.03
C LYS B 57 -1.31 28.13 26.53
N SER B 58 -1.02 27.09 25.76
CA SER B 58 -1.21 27.01 24.33
C SER B 58 -2.37 26.05 24.02
N GLY B 59 -2.40 25.52 22.80
CA GLY B 59 -3.44 24.62 22.38
C GLY B 59 -3.92 24.88 20.97
N GLY B 60 -4.90 25.78 20.83
CA GLY B 60 -5.55 26.03 19.56
C GLY B 60 -6.54 24.98 19.10
N PHE B 61 -6.56 23.79 19.71
CA PHE B 61 -7.59 22.81 19.43
C PHE B 61 -7.71 21.83 20.59
N SER B 62 -8.95 21.50 20.93
CA SER B 62 -9.23 20.67 22.09
C SER B 62 -9.62 19.27 21.63
N VAL B 63 -9.24 18.26 22.40
CA VAL B 63 -9.68 16.90 22.16
C VAL B 63 -10.11 16.30 23.48
N LYS B 64 -11.06 15.36 23.42
CA LYS B 64 -11.48 14.61 24.61
C LYS B 64 -11.24 13.12 24.38
N LYS B 65 -10.68 12.47 25.40
CA LYS B 65 -10.27 11.07 25.36
C LYS B 65 -11.20 10.26 26.25
N THR B 66 -11.74 9.18 25.71
CA THR B 66 -12.54 8.23 26.48
C THR B 66 -11.93 6.85 26.30
N ARG B 67 -11.48 6.25 27.41
CA ARG B 67 -11.09 4.84 27.37
C ARG B 67 -12.31 3.94 27.35
N TYR B 68 -12.16 2.78 26.72
CA TYR B 68 -13.21 1.78 26.61
C TYR B 68 -12.64 0.38 26.76
N ALA B 69 -13.43 -0.49 27.38
CA ALA B 69 -13.12 -1.91 27.46
C ALA B 69 -13.76 -2.62 26.27
N VAL B 70 -12.99 -3.47 25.61
CA VAL B 70 -13.48 -4.28 24.51
C VAL B 70 -13.98 -5.57 25.13
N ALA B 71 -15.30 -5.75 25.15
CA ALA B 71 -15.87 -6.83 25.94
C ALA B 71 -15.49 -8.19 25.39
N SER B 72 -15.45 -8.35 24.08
CA SER B 72 -15.20 -9.64 23.49
C SER B 72 -13.71 -9.96 23.39
N SER B 73 -12.83 -9.24 24.13
CA SER B 73 -11.41 -9.49 23.87
C SER B 73 -10.85 -10.44 24.92
N PRO B 74 -10.16 -11.48 24.49
CA PRO B 74 -9.59 -12.41 25.47
C PRO B 74 -8.38 -11.87 26.20
N THR B 75 -7.64 -10.92 25.64
CA THR B 75 -6.51 -10.35 26.35
C THR B 75 -6.87 -9.11 27.17
N GLY B 76 -8.16 -8.84 27.38
CA GLY B 76 -8.55 -7.64 28.12
C GLY B 76 -8.18 -6.35 27.40
N ALA B 77 -8.26 -6.34 26.08
CA ALA B 77 -7.85 -5.17 25.31
C ALA B 77 -8.72 -3.97 25.65
N GLU B 78 -8.14 -2.77 25.48
CA GLU B 78 -8.86 -1.52 25.67
C GLU B 78 -8.54 -0.60 24.52
N VAL B 79 -9.45 0.36 24.27
CA VAL B 79 -9.28 1.32 23.19
C VAL B 79 -9.56 2.70 23.76
N ASP B 80 -8.85 3.71 23.25
CA ASP B 80 -9.12 5.10 23.59
C ASP B 80 -9.76 5.78 22.40
N SER B 81 -10.83 6.52 22.66
CA SER B 81 -11.58 7.25 21.65
C SER B 81 -11.22 8.72 21.72
N TRP B 82 -10.92 9.31 20.57
CA TRP B 82 -10.54 10.71 20.51
C TRP B 82 -11.57 11.48 19.68
N ARG B 83 -12.12 12.57 20.25
CA ARG B 83 -12.93 13.48 19.44
C ARG B 83 -12.47 14.92 19.60
N PHE B 84 -12.43 15.63 18.48
CA PHE B 84 -12.17 17.06 18.48
C PHE B 84 -13.47 17.86 18.55
N ASN B 85 -13.37 19.12 18.99
CA ASN B 85 -14.48 20.03 18.76
C ASN B 85 -14.66 20.18 17.25
N ASP B 86 -15.92 20.29 16.83
CA ASP B 86 -16.24 20.20 15.40
C ASP B 86 -15.51 21.26 14.58
N TRP B 87 -15.36 22.47 15.12
CA TRP B 87 -14.74 23.55 14.36
C TRP B 87 -13.23 23.38 14.25
N ASP B 88 -12.61 22.47 15.02
CA ASP B 88 -11.17 22.28 14.92
C ASP B 88 -10.76 21.73 13.56
N TYR B 89 -11.64 21.00 12.88
CA TYR B 89 -11.32 20.49 11.54
C TYR B 89 -11.17 21.58 10.49
N LYS B 90 -11.56 22.82 10.80
CA LYS B 90 -11.34 23.95 9.92
C LYS B 90 -10.08 24.72 10.27
N LYS B 91 -9.26 24.19 11.19
CA LYS B 91 -7.97 24.82 11.45
C LYS B 91 -6.83 24.03 10.81
N PRO B 92 -5.75 24.68 10.42
CA PRO B 92 -4.61 23.95 9.86
C PRO B 92 -3.78 23.36 10.99
N ASP B 93 -2.95 22.38 10.61
CA ASP B 93 -1.97 21.78 11.50
C ASP B 93 -2.57 20.93 12.62
N LEU B 94 -3.76 20.35 12.45
CA LEU B 94 -4.18 19.33 13.38
C LEU B 94 -3.29 18.11 13.18
N PRO B 95 -3.02 17.33 14.23
CA PRO B 95 -2.18 16.13 14.06
C PRO B 95 -2.85 15.06 13.24
N THR B 96 -4.19 15.10 13.16
CA THR B 96 -4.95 14.21 12.30
C THR B 96 -6.33 14.84 12.06
N TYR B 97 -6.89 14.59 10.88
CA TYR B 97 -8.23 15.09 10.56
C TYR B 97 -9.27 13.98 10.59
N ALA B 98 -8.92 12.82 11.13
CA ALA B 98 -9.88 11.74 11.24
C ALA B 98 -11.08 12.14 12.08
N ARG B 99 -12.30 11.86 11.59
CA ARG B 99 -13.50 11.96 12.41
C ARG B 99 -13.80 10.53 12.88
N GLY B 100 -13.57 10.26 14.14
CA GLY B 100 -13.70 8.90 14.64
C GLY B 100 -12.29 8.33 14.63
N LEU B 101 -11.74 8.05 15.80
CA LEU B 101 -10.35 7.62 15.88
C LEU B 101 -10.13 6.95 17.23
N PHE B 102 -9.72 5.67 17.21
CA PHE B 102 -9.50 4.89 18.41
C PHE B 102 -8.07 4.38 18.43
N THR B 103 -7.38 4.57 19.53
CA THR B 103 -6.05 4.01 19.67
C THR B 103 -6.04 2.87 20.69
N THR B 104 -5.00 2.04 20.63
CA THR B 104 -4.91 0.92 21.55
C THR B 104 -3.44 0.56 21.76
N ARG B 105 -3.21 -0.39 22.66
CA ARG B 105 -1.88 -0.94 22.90
C ARG B 105 -1.95 -2.47 22.78
N THR B 106 -1.17 -3.03 21.86
CA THR B 106 -1.06 -4.47 21.71
C THR B 106 -0.59 -5.11 23.01
N GLN B 107 -0.99 -6.37 23.25
CA GLN B 107 -0.54 -7.07 24.46
C GLN B 107 0.99 -7.20 24.51
N HIS B 108 1.68 -7.00 23.40
CA HIS B 108 3.13 -6.89 23.38
C HIS B 108 3.60 -5.45 23.41
N GLY B 109 2.75 -4.53 23.89
CA GLY B 109 3.15 -3.16 24.16
C GLY B 109 3.28 -2.23 22.98
N VAL B 110 2.81 -2.61 21.79
CA VAL B 110 2.93 -1.77 20.59
C VAL B 110 1.73 -0.85 20.54
N PRO B 111 1.90 0.48 20.53
CA PRO B 111 0.76 1.39 20.33
C PRO B 111 0.33 1.41 18.88
N GLU B 112 -0.99 1.38 18.67
CA GLU B 112 -1.55 1.19 17.34
C GLU B 112 -2.81 2.02 17.20
N ILE B 113 -3.15 2.28 15.94
CA ILE B 113 -4.46 2.83 15.61
C ILE B 113 -5.42 1.68 15.34
N ALA B 114 -6.44 1.58 16.19
CA ALA B 114 -7.44 0.54 16.02
C ALA B 114 -8.49 0.91 14.98
N VAL B 115 -8.90 2.18 14.93
CA VAL B 115 -10.01 2.63 14.08
C VAL B 115 -9.63 3.99 13.51
N ARG B 116 -9.70 4.13 12.20
CA ARG B 116 -9.44 5.41 11.55
C ARG B 116 -10.62 5.74 10.64
N GLY B 117 -11.40 6.75 11.02
CA GLY B 117 -12.51 7.18 10.20
C GLY B 117 -12.05 7.99 8.99
N TYR B 118 -13.02 8.42 8.18
CA TYR B 118 -12.76 9.38 7.12
C TYR B 118 -12.23 10.68 7.70
N ASP B 119 -11.55 11.49 6.87
CA ASP B 119 -11.34 12.89 7.26
C ASP B 119 -12.69 13.59 7.34
N LYS B 120 -12.85 14.47 8.33
CA LYS B 120 -14.03 15.33 8.37
C LYS B 120 -14.20 16.05 7.03
N PHE B 121 -15.39 15.93 6.44
CA PHE B 121 -15.69 16.58 5.16
C PHE B 121 -16.99 17.38 5.21
N PHE B 122 -17.14 18.34 4.29
CA PHE B 122 -18.18 19.35 4.39
C PHE B 122 -19.05 19.39 3.13
N ASN B 123 -20.23 19.99 3.29
CA ASN B 123 -21.15 20.16 2.17
C ASN B 123 -20.69 21.31 1.27
N ILE B 124 -21.24 21.33 0.06
CA ILE B 124 -20.94 22.42 -0.88
C ILE B 124 -21.21 23.76 -0.19
N ASP B 125 -20.27 24.69 -0.36
CA ASP B 125 -20.33 26.07 0.12
C ASP B 125 -20.13 26.28 1.63
N GLU B 126 -20.02 25.22 2.42
CA GLU B 126 -19.94 25.51 3.85
C GLU B 126 -18.52 25.74 4.36
N THR B 127 -17.52 25.55 3.50
CA THR B 127 -16.16 26.06 3.70
C THR B 127 -15.66 26.60 2.36
N ARG B 128 -14.47 27.20 2.37
CA ARG B 128 -13.98 27.73 1.10
C ARG B 128 -13.37 26.68 0.20
N ASP B 129 -12.94 25.52 0.74
CA ASP B 129 -12.51 24.44 -0.13
C ASP B 129 -13.69 23.74 -0.80
N THR B 130 -14.90 23.87 -0.25
CA THR B 130 -16.07 23.23 -0.83
C THR B 130 -16.89 24.19 -1.67
N ALA B 131 -16.31 25.32 -2.06
CA ALA B 131 -16.95 26.15 -3.07
C ALA B 131 -16.69 25.57 -4.46
N TRP B 132 -17.72 25.62 -5.33
CA TRP B 132 -17.61 25.03 -6.65
C TRP B 132 -16.40 25.55 -7.40
N SER B 133 -16.13 26.85 -7.28
CA SER B 133 -14.98 27.41 -7.97
C SER B 133 -13.69 26.84 -7.41
N ALA B 134 -13.66 26.52 -6.12
CA ALA B 134 -12.43 25.94 -5.55
C ALA B 134 -12.30 24.46 -5.91
N ILE B 135 -13.38 23.69 -5.81
CA ILE B 135 -13.37 22.29 -6.23
C ILE B 135 -12.96 22.16 -7.69
N ARG B 136 -13.43 23.09 -8.54
CA ARG B 136 -13.10 23.11 -9.96
C ARG B 136 -11.62 23.46 -10.19
N GLU B 137 -10.98 24.09 -9.21
CA GLU B 137 -9.62 24.60 -9.38
C GLU B 137 -8.56 23.74 -8.72
N ARG B 138 -8.88 23.07 -7.60
CA ARG B 138 -7.86 22.37 -6.82
C ARG B 138 -8.02 20.85 -6.74
N THR B 139 -9.14 20.30 -7.19
CA THR B 139 -9.37 18.87 -7.14
C THR B 139 -9.10 18.24 -8.51
N LYS B 140 -8.93 16.93 -8.48
CA LYS B 140 -8.56 16.17 -9.68
C LYS B 140 -9.36 14.88 -9.66
N GLY B 141 -9.85 14.47 -10.84
CA GLY B 141 -10.67 13.28 -10.97
C GLY B 141 -9.89 12.03 -11.34
N PRO B 142 -10.58 10.94 -11.77
CA PRO B 142 -12.03 10.80 -11.95
C PRO B 142 -12.83 10.90 -10.66
N TYR B 143 -13.94 11.60 -10.72
CA TYR B 143 -14.75 11.85 -9.53
C TYR B 143 -15.67 10.67 -9.26
N GLU B 144 -15.55 10.10 -8.06
CA GLU B 144 -16.44 9.06 -7.56
C GLU B 144 -17.60 9.73 -6.83
N LEU B 145 -18.83 9.49 -7.32
CA LEU B 145 -20.06 9.97 -6.69
C LEU B 145 -20.66 8.78 -6.00
N THR B 146 -20.66 8.78 -4.68
CA THR B 146 -21.19 7.65 -3.91
C THR B 146 -22.50 8.08 -3.25
N LEU B 147 -23.52 7.22 -3.35
CA LEU B 147 -24.80 7.42 -2.66
C LEU B 147 -24.63 7.62 -1.15
N GLU B 149 -26.12 7.14 1.98
CA GLU B 149 -27.15 6.49 2.73
C GLU B 149 -27.36 7.16 4.06
N ASN B 150 -28.56 7.00 4.60
CA ASN B 150 -29.11 7.85 5.65
C ASN B 150 -29.36 6.97 6.87
N GLY B 151 -28.39 6.91 7.74
CA GLY B 151 -28.48 6.09 8.93
C GLY B 151 -27.43 6.58 9.92
N CYS B 152 -26.74 5.64 10.58
CA CYS B 152 -25.67 5.98 11.49
C CYS B 152 -24.42 5.17 11.14
N ILE B 153 -23.26 5.80 11.35
CA ILE B 153 -21.99 5.27 10.88
C ILE B 153 -21.49 4.20 11.85
N ILE B 154 -20.83 3.20 11.29
CA ILE B 154 -20.29 2.07 12.03
C ILE B 154 -18.87 1.81 11.53
N PHE B 155 -17.93 1.62 12.46
CA PHE B 155 -16.54 1.26 12.17
C PHE B 155 -16.29 -0.18 12.60
N ILE B 156 -15.59 -0.93 11.75
CA ILE B 156 -15.23 -2.31 12.05
C ILE B 156 -13.76 -2.51 11.75
N SER B 157 -13.03 -3.04 12.72
CA SER B 157 -11.64 -3.37 12.49
C SER B 157 -11.31 -4.57 13.35
N GLY B 158 -10.09 -5.06 13.21
CA GLY B 158 -9.64 -6.25 13.93
C GLY B 158 -8.43 -5.92 14.78
N LEU B 159 -8.46 -6.41 16.02
CA LEU B 159 -7.35 -6.19 16.95
C LEU B 159 -6.31 -7.33 16.86
N GLU B 160 -5.15 -7.11 17.51
CA GLU B 160 -4.02 -8.03 17.41
C GLU B 160 -4.36 -9.41 17.98
N ASP B 161 -5.10 -9.46 19.09
CA ASP B 161 -5.54 -10.73 19.65
C ASP B 161 -6.73 -11.36 18.91
N GLY B 162 -7.09 -10.83 17.74
CA GLY B 162 -8.15 -11.42 16.95
C GLY B 162 -9.57 -11.00 17.31
N THR B 163 -9.76 -10.13 18.28
CA THR B 163 -11.13 -9.72 18.54
C THR B 163 -11.62 -8.77 17.45
N LEU B 164 -12.88 -8.96 17.04
CA LEU B 164 -13.54 -8.04 16.13
C LEU B 164 -14.09 -6.85 16.91
N LEU B 165 -13.71 -5.65 16.48
CA LEU B 165 -14.05 -4.42 17.19
C LEU B 165 -15.05 -3.64 16.36
N VAL B 166 -16.22 -3.35 16.95
CA VAL B 166 -17.28 -2.62 16.27
C VAL B 166 -17.53 -1.34 17.05
N CYS B 167 -17.42 -0.22 16.38
CA CYS B 167 -17.60 1.08 17.00
C CYS B 167 -18.64 1.89 16.25
N SER B 168 -19.35 2.75 17.00
CA SER B 168 -20.08 3.87 16.42
C SER B 168 -19.10 5.02 16.19
N LYS B 169 -19.63 6.23 15.98
CA LYS B 169 -18.76 7.37 15.67
C LYS B 169 -17.75 7.68 16.78
N HIS B 170 -18.13 7.52 18.05
CA HIS B 170 -17.19 7.81 19.14
C HIS B 170 -17.20 6.80 20.27
N SER B 171 -17.98 5.73 20.17
CA SER B 171 -18.17 4.85 21.31
C SER B 171 -18.14 3.39 20.83
N THR B 172 -17.97 2.48 21.80
CA THR B 172 -18.02 1.06 21.50
C THR B 172 -18.57 0.32 22.71
N GLY B 173 -19.16 -0.84 22.44
CA GLY B 173 -19.71 -1.65 23.51
C GLY B 173 -21.02 -1.07 24.01
N ASP B 174 -21.39 -1.50 25.21
CA ASP B 174 -22.64 -1.07 25.80
C ASP B 174 -22.42 0.13 26.71
N ARG B 175 -23.44 0.97 26.77
CA ARG B 175 -23.39 2.25 27.45
C ARG B 175 -24.49 2.32 28.50
N SER B 176 -24.22 3.01 29.60
CA SER B 176 -25.25 3.30 30.58
C SER B 176 -26.17 4.44 30.17
N ASP B 177 -26.05 4.96 28.94
CA ASP B 177 -26.82 6.13 28.54
C ASP B 177 -27.93 5.83 27.54
N VAL B 178 -27.93 4.67 26.89
CA VAL B 178 -28.97 4.31 25.93
C VAL B 178 -29.43 2.89 26.19
N ALA B 179 -30.49 2.49 25.49
CA ALA B 179 -31.05 1.15 25.65
C ALA B 179 -30.27 0.12 24.84
N LEU B 180 -29.95 0.46 23.59
CA LEU B 180 -29.10 -0.36 22.75
C LEU B 180 -28.22 0.61 21.97
N SER B 181 -26.92 0.55 22.23
CA SER B 181 -25.99 1.44 21.60
C SER B 181 -25.95 1.22 20.10
N HIS B 182 -25.55 2.26 19.38
CA HIS B 182 -25.41 2.13 17.95
C HIS B 182 -24.45 0.99 17.58
N SER B 183 -23.32 0.86 18.30
CA SER B 183 -22.35 -0.17 17.91
C SER B 183 -22.84 -1.57 18.24
N SER B 184 -23.60 -1.74 19.32
CA SER B 184 -24.18 -3.05 19.61
C SER B 184 -25.15 -3.46 18.52
N ALA B 185 -26.00 -2.52 18.09
CA ALA B 185 -26.89 -2.80 16.98
C ALA B 185 -26.10 -3.17 15.75
N GLY B 186 -25.00 -2.45 15.49
CA GLY B 186 -24.16 -2.76 14.35
C GLY B 186 -23.56 -4.14 14.44
N GLU B 187 -23.13 -4.53 15.63
CA GLU B 187 -22.47 -5.83 15.75
C GLU B 187 -23.45 -6.98 15.54
N LYS B 188 -24.70 -6.81 15.98
CA LYS B 188 -25.69 -7.87 15.75
C LYS B 188 -26.01 -8.00 14.27
N HIS B 189 -26.05 -6.89 13.54
CA HIS B 189 -26.23 -7.02 12.10
C HIS B 189 -25.02 -7.69 11.48
N LEU B 190 -23.82 -7.35 11.96
CA LEU B 190 -22.61 -7.97 11.44
C LEU B 190 -22.60 -9.47 11.68
N GLU B 191 -23.00 -9.92 12.88
CA GLU B 191 -23.03 -11.37 13.12
C GLU B 191 -24.03 -12.04 12.20
N ALA B 192 -25.16 -11.41 11.94
CA ALA B 192 -26.14 -12.06 11.07
C ALA B 192 -25.61 -12.12 9.65
N GLN B 193 -25.06 -11.01 9.13
CA GLN B 193 -24.54 -11.03 7.78
C GLN B 193 -23.41 -12.06 7.60
N LEU B 194 -22.54 -12.19 8.59
CA LEU B 194 -21.44 -13.17 8.48
C LEU B 194 -21.96 -14.61 8.53
N GLU B 195 -22.88 -14.88 9.44
CA GLU B 195 -23.47 -16.23 9.48
C GLU B 195 -24.17 -16.53 8.16
N ARG B 196 -24.79 -15.51 7.55
CA ARG B 196 -25.50 -15.71 6.30
C ARG B 196 -24.55 -16.19 5.20
N ILE B 197 -23.28 -15.81 5.25
CA ILE B 197 -22.32 -16.25 4.24
C ILE B 197 -21.31 -17.24 4.79
N GLY B 198 -21.60 -17.86 5.94
CA GLY B 198 -20.72 -18.90 6.44
C GLY B 198 -19.33 -18.43 6.85
N LYS B 199 -19.21 -17.17 7.26
CA LYS B 199 -17.94 -16.67 7.75
C LYS B 199 -18.11 -16.26 9.20
N THR B 200 -16.99 -16.16 9.90
CA THR B 200 -17.01 -15.88 11.32
C THR B 200 -16.43 -14.49 11.61
N LYS B 201 -16.65 -14.06 12.85
CA LYS B 201 -16.12 -12.79 13.33
C LYS B 201 -14.60 -12.80 13.33
N GLU B 202 -13.99 -13.92 13.75
CA GLU B 202 -12.53 -13.94 13.79
C GLU B 202 -11.96 -13.93 12.39
N GLU B 203 -12.66 -14.52 11.41
CA GLU B 203 -12.16 -14.43 10.04
C GLU B 203 -12.17 -12.99 9.54
N LEU B 204 -13.25 -12.25 9.80
CA LEU B 204 -13.27 -10.86 9.39
C LEU B 204 -12.24 -10.04 10.16
N ALA B 205 -12.08 -10.33 11.46
CA ALA B 205 -11.07 -9.65 12.26
C ALA B 205 -9.67 -9.89 11.70
N ARG B 206 -9.35 -11.14 11.34
CA ARG B 206 -8.03 -11.40 10.76
C ARG B 206 -7.84 -10.62 9.46
N GLU B 207 -8.87 -10.61 8.61
CA GLU B 207 -8.79 -9.91 7.33
C GLU B 207 -8.50 -8.43 7.53
N LEU B 208 -9.30 -7.75 8.35
CA LEU B 208 -9.15 -6.29 8.45
C LEU B 208 -7.80 -5.88 9.03
N ARG B 209 -7.24 -6.68 9.94
CA ARG B 209 -5.90 -6.39 10.43
C ARG B 209 -4.85 -6.67 9.35
N LYS B 210 -5.05 -7.71 8.55
CA LYS B 210 -4.13 -8.00 7.45
C LYS B 210 -4.06 -6.84 6.47
N ARG B 211 -5.18 -6.16 6.22
CA ARG B 211 -5.21 -5.00 5.33
C ARG B 211 -4.88 -3.71 6.06
N ASN B 212 -4.63 -3.80 7.38
CA ASN B 212 -4.47 -2.66 8.28
C ASN B 212 -5.56 -1.62 8.01
N ALA B 213 -6.78 -2.04 8.24
CA ALA B 213 -7.87 -1.29 7.66
C ALA B 213 -9.03 -1.20 8.63
N THR B 214 -9.70 -0.04 8.64
CA THR B 214 -11.03 0.14 9.21
C THR B 214 -12.07 0.03 8.09
N ALA B 215 -13.06 -0.83 8.27
CA ALA B 215 -14.22 -0.81 7.37
C ALA B 215 -15.24 0.19 7.91
N VAL B 216 -15.83 0.98 7.01
CA VAL B 216 -16.74 2.08 7.35
C VAL B 216 -18.10 1.80 6.71
N ALA B 217 -19.09 1.44 7.53
CA ALA B 217 -20.42 1.17 7.02
C ALA B 217 -21.43 2.16 7.58
N GLU B 218 -22.57 2.24 6.90
CA GLU B 218 -23.73 2.96 7.39
C GLU B 218 -24.73 1.94 7.89
N LEU B 219 -25.16 2.08 9.14
CA LEU B 219 -26.19 1.23 9.70
C LEU B 219 -27.53 1.88 9.36
N CYS B 220 -28.34 1.18 8.57
CA CYS B 220 -29.62 1.68 8.03
C CYS B 220 -30.65 0.63 8.36
N ASP B 221 -31.49 0.91 9.35
CA ASP B 221 -32.50 -0.07 9.76
C ASP B 221 -33.51 0.66 10.60
N ASP B 222 -34.76 0.71 10.12
CA ASP B 222 -35.80 1.49 10.79
C ASP B 222 -36.39 0.80 11.99
N SER B 223 -36.22 -0.51 12.11
CA SER B 223 -36.51 -1.17 13.39
C SER B 223 -35.63 -0.63 14.49
N PHE B 224 -34.45 -0.10 14.13
CA PHE B 224 -33.54 0.40 15.14
C PHE B 224 -33.78 1.88 15.42
N GLU B 225 -33.56 2.71 14.42
CA GLU B 225 -33.55 4.17 14.57
C GLU B 225 -33.91 4.73 13.20
N GLU B 226 -35.12 5.27 13.06
CA GLU B 226 -35.62 5.70 11.76
C GLU B 226 -35.22 7.14 11.47
N HIS B 227 -34.58 7.37 10.30
CA HIS B 227 -34.11 8.64 9.91
C HIS B 227 -35.12 9.28 8.93
N ILE B 228 -34.72 9.77 7.77
CA ILE B 228 -35.66 10.44 6.87
C ILE B 228 -36.04 9.59 5.65
N LEU B 229 -35.22 8.60 5.28
CA LEU B 229 -35.57 7.65 4.23
C LEU B 229 -35.72 6.26 4.84
N ALA B 230 -36.54 5.43 4.19
CA ALA B 230 -37.02 4.18 4.76
C ALA B 230 -36.05 3.02 4.53
N TYR B 231 -35.99 2.11 5.50
CA TYR B 231 -35.14 0.92 5.43
C TYR B 231 -35.91 -0.22 6.11
N GLY B 232 -36.76 -0.92 5.33
CA GLY B 232 -37.59 -1.99 5.85
C GLY B 232 -36.78 -3.21 6.20
N PRO B 233 -37.42 -4.35 6.43
CA PRO B 233 -36.61 -5.58 6.65
C PRO B 233 -35.74 -5.92 5.46
N ASP B 234 -36.28 -5.83 4.25
CA ASP B 234 -35.45 -5.61 3.09
C ASP B 234 -34.66 -4.31 3.28
N LYS B 235 -33.59 -4.14 2.51
CA LYS B 235 -32.77 -2.92 2.62
C LYS B 235 -32.03 -2.73 3.95
N ALA B 236 -32.51 -3.31 5.05
CA ALA B 236 -31.89 -3.02 6.34
C ALA B 236 -30.55 -3.74 6.44
N GLY B 237 -29.61 -3.13 7.15
CA GLY B 237 -28.34 -3.78 7.35
C GLY B 237 -27.23 -2.76 7.36
N LEU B 238 -26.03 -3.23 7.06
CA LEU B 238 -24.85 -2.37 7.03
C LEU B 238 -24.48 -2.12 5.57
N TYR B 239 -24.45 -0.86 5.18
CA TYR B 239 -24.06 -0.47 3.82
C TYR B 239 -22.61 -0.07 3.88
N LEU B 240 -21.76 -0.81 3.15
CA LEU B 240 -20.33 -0.52 3.20
C LEU B 240 -20.01 0.61 2.23
N HIS B 241 -19.49 1.72 2.74
CA HIS B 241 -19.09 2.77 1.83
C HIS B 241 -17.63 3.18 1.93
N GLY B 242 -16.82 2.58 2.80
CA GLY B 242 -15.42 2.94 2.85
C GLY B 242 -14.55 1.88 3.50
N ILE B 243 -13.28 1.87 3.08
CA ILE B 243 -12.23 1.19 3.84
C ILE B 243 -11.06 2.15 3.91
N ASN B 244 -10.56 2.41 5.13
CA ASN B 244 -9.46 3.34 5.36
C ASN B 244 -8.28 2.58 5.98
N LEU B 245 -7.09 3.01 5.61
CA LEU B 245 -5.87 2.54 6.26
C LEU B 245 -5.77 3.12 7.67
N ASN B 246 -5.48 2.26 8.66
CA ASN B 246 -5.28 2.72 10.04
C ASN B 246 -3.92 3.40 10.21
N ILE B 247 -3.79 4.58 9.60
CA ILE B 247 -2.58 5.41 9.74
C ILE B 247 -2.98 6.86 10.00
N PRO B 248 -2.07 7.74 10.44
CA PRO B 248 -2.50 9.12 10.75
C PRO B 248 -3.06 9.88 9.56
N GLU B 249 -2.46 9.74 8.38
CA GLU B 249 -3.00 10.45 7.21
C GLU B 249 -4.21 9.68 6.67
N PHE B 250 -4.86 10.23 5.65
CA PHE B 250 -6.13 9.71 5.17
C PHE B 250 -5.85 9.07 3.81
N ILE B 251 -5.96 7.74 3.77
CA ILE B 251 -5.83 6.96 2.55
C ILE B 251 -6.98 5.98 2.52
N THR B 252 -7.74 5.99 1.44
CA THR B 252 -9.00 5.26 1.41
C THR B 252 -9.13 4.43 0.13
N TYR B 253 -9.84 3.32 0.24
CA TYR B 253 -10.01 2.43 -0.89
C TYR B 253 -10.85 3.09 -1.97
N PRO B 254 -10.46 2.97 -3.24
CA PRO B 254 -11.40 3.29 -4.32
C PRO B 254 -12.65 2.44 -4.17
N SER B 255 -13.79 3.02 -4.54
CA SER B 255 -15.07 2.35 -4.32
C SER B 255 -15.23 1.02 -5.04
N PRO B 256 -14.71 0.80 -6.26
CA PRO B 256 -14.82 -0.57 -6.81
C PRO B 256 -14.25 -1.62 -5.89
N LEU B 257 -13.20 -1.31 -5.14
CA LEU B 257 -12.70 -2.34 -4.24
C LEU B 257 -13.54 -2.43 -2.99
N VAL B 258 -14.22 -1.34 -2.64
CA VAL B 258 -15.09 -1.40 -1.49
C VAL B 258 -16.26 -2.31 -1.78
N GLN B 259 -16.80 -2.22 -3.00
CA GLN B 259 -17.91 -3.08 -3.39
C GLN B 259 -17.48 -4.54 -3.44
N LYS B 260 -16.25 -4.82 -3.86
CA LYS B 260 -15.76 -6.19 -3.86
C LYS B 260 -15.64 -6.72 -2.44
N PHE B 261 -15.19 -5.87 -1.52
CA PHE B 261 -15.17 -6.27 -0.13
C PHE B 261 -16.57 -6.52 0.40
N ALA B 262 -17.50 -5.61 0.06
CA ALA B 262 -18.88 -5.81 0.49
C ALA B 262 -19.38 -7.16 0.03
N GLU B 263 -19.06 -7.54 -1.22
CA GLU B 263 -19.47 -8.84 -1.71
C GLU B 263 -18.78 -9.97 -0.97
N ASP B 264 -17.53 -9.78 -0.57
CA ASP B 264 -16.85 -10.92 0.06
C ASP B 264 -17.25 -11.11 1.52
N TRP B 265 -17.81 -10.10 2.19
CA TRP B 265 -18.16 -10.26 3.60
C TRP B 265 -19.61 -9.91 3.89
N GLY B 266 -20.46 -9.87 2.87
CA GLY B 266 -21.88 -9.82 3.11
C GLY B 266 -22.45 -8.46 3.39
N PHE B 267 -21.68 -7.39 3.20
CA PHE B 267 -22.23 -6.06 3.36
C PHE B 267 -23.13 -5.71 2.17
N ARG B 268 -24.10 -4.84 2.42
CA ARG B 268 -24.78 -4.18 1.33
C ARG B 268 -23.82 -3.20 0.70
N LYS B 269 -23.98 -3.00 -0.60
CA LYS B 269 -23.11 -2.12 -1.35
C LYS B 269 -23.69 -0.72 -1.51
N THR B 270 -22.80 0.25 -1.63
CA THR B 270 -23.15 1.65 -1.81
C THR B 270 -22.98 2.00 -3.28
N GLY B 271 -24.04 2.54 -3.89
CA GLY B 271 -24.01 2.79 -5.31
C GLY B 271 -23.01 3.86 -5.69
N LEU B 272 -22.43 3.70 -6.88
CA LEU B 272 -21.30 4.49 -7.33
C LEU B 272 -21.53 4.96 -8.76
N ILE B 273 -21.16 6.20 -9.05
CA ILE B 273 -21.04 6.71 -10.42
C ILE B 273 -19.69 7.38 -10.54
N ILE B 274 -18.98 7.13 -11.64
CA ILE B 274 -17.71 7.77 -11.91
C ILE B 274 -17.88 8.76 -13.05
N ILE B 275 -17.48 10.00 -12.83
CA ILE B 275 -17.55 11.05 -13.82
C ILE B 275 -16.17 11.69 -13.92
N ASP B 276 -15.67 11.85 -15.15
CA ASP B 276 -14.31 12.33 -15.33
C ASP B 276 -14.20 13.85 -15.15
N ASN B 277 -15.05 14.61 -15.82
CA ASN B 277 -14.90 16.06 -15.78
C ASN B 277 -15.74 16.65 -14.67
N ILE B 278 -15.16 17.61 -13.94
CA ILE B 278 -15.82 18.16 -12.77
C ILE B 278 -17.06 18.97 -13.16
N ASP B 279 -17.04 19.62 -14.33
CA ASP B 279 -18.24 20.34 -14.79
C ASP B 279 -19.40 19.41 -15.06
N ASP B 280 -19.13 18.18 -15.51
CA ASP B 280 -20.19 17.19 -15.65
C ASP B 280 -20.69 16.74 -14.29
N VAL B 281 -19.80 16.65 -13.30
CA VAL B 281 -20.24 16.33 -11.94
C VAL B 281 -21.23 17.36 -11.44
N LYS B 282 -20.91 18.65 -11.62
CA LYS B 282 -21.79 19.71 -11.15
C LYS B 282 -23.11 19.71 -11.92
N ALA B 283 -23.08 19.48 -13.24
CA ALA B 283 -24.32 19.42 -14.02
C ALA B 283 -25.18 18.25 -13.59
N PHE B 284 -24.57 17.10 -13.32
CA PHE B 284 -25.32 15.94 -12.86
C PHE B 284 -26.01 16.23 -11.54
N LEU B 285 -25.23 16.62 -10.52
CA LEU B 285 -25.78 16.80 -9.18
C LEU B 285 -26.92 17.82 -9.20
N GLU B 286 -26.74 18.94 -9.92
CA GLU B 286 -27.81 19.92 -9.97
C GLU B 286 -29.03 19.39 -10.73
N GLU B 287 -28.83 18.46 -11.67
CA GLU B 287 -29.99 17.92 -12.37
C GLU B 287 -30.80 16.99 -11.46
N VAL B 288 -30.12 16.15 -10.67
CA VAL B 288 -30.78 15.27 -9.70
C VAL B 288 -31.50 16.08 -8.63
N ALA B 289 -30.98 17.27 -8.30
CA ALA B 289 -31.59 18.11 -7.27
C ALA B 289 -32.91 18.74 -7.69
N GLU B 290 -33.27 18.66 -8.97
CA GLU B 290 -34.58 19.17 -9.38
C GLU B 290 -35.70 18.28 -8.87
N THR B 291 -35.40 17.06 -8.41
CA THR B 291 -36.42 16.16 -7.89
C THR B 291 -36.05 15.49 -6.59
N GLY B 292 -34.78 15.49 -6.17
CA GLY B 292 -34.32 14.68 -5.05
C GLY B 292 -34.40 13.18 -5.28
N ALA B 293 -34.66 12.71 -6.50
CA ALA B 293 -34.68 11.29 -6.79
C ALA B 293 -33.69 10.98 -7.90
N HIS B 294 -33.27 9.72 -7.95
CA HIS B 294 -32.33 9.25 -8.96
C HIS B 294 -32.65 7.79 -9.18
N ASP B 295 -32.87 7.39 -10.43
CA ASP B 295 -33.16 5.99 -10.74
C ASP B 295 -34.39 5.49 -9.99
N GLY B 296 -35.40 6.33 -9.85
CA GLY B 296 -36.64 5.95 -9.19
C GLY B 296 -36.61 5.96 -7.69
N ARG B 297 -35.43 6.01 -7.07
CA ARG B 297 -35.34 6.04 -5.62
C ARG B 297 -35.02 7.46 -5.14
N ASP B 298 -35.47 7.78 -3.94
CA ASP B 298 -35.08 9.04 -3.33
C ASP B 298 -33.70 8.92 -2.70
N VAL B 299 -32.93 10.01 -2.77
CA VAL B 299 -31.57 10.03 -2.28
C VAL B 299 -31.36 11.35 -1.56
N GLU B 300 -30.83 11.26 -0.34
CA GLU B 300 -30.51 12.45 0.42
C GLU B 300 -29.31 13.18 -0.18
N GLY B 301 -28.42 12.47 -0.87
CA GLY B 301 -27.29 13.15 -1.48
C GLY B 301 -26.23 12.19 -1.96
N PHE B 302 -25.15 12.79 -2.44
CA PHE B 302 -23.99 12.02 -2.84
C PHE B 302 -22.79 12.46 -2.02
N VAL B 303 -21.92 11.51 -1.67
CA VAL B 303 -20.59 11.84 -1.21
C VAL B 303 -19.68 11.67 -2.42
N ILE B 304 -18.99 12.76 -2.77
CA ILE B 304 -18.14 12.85 -3.96
C ILE B 304 -16.70 12.67 -3.52
N ARG B 305 -16.03 11.65 -4.06
CA ARG B 305 -14.65 11.32 -3.69
C ARG B 305 -13.69 11.55 -4.83
N CYS B 306 -12.54 12.14 -4.51
CA CYS B 306 -11.61 12.71 -5.48
C CYS B 306 -10.28 13.01 -4.77
N LYS B 307 -9.37 13.68 -5.48
CA LYS B 307 -8.06 14.07 -4.97
C LYS B 307 -7.91 15.57 -5.00
N LYS B 308 -7.33 16.13 -3.94
CA LYS B 308 -7.19 17.57 -3.81
C LYS B 308 -5.77 17.92 -3.44
N SER B 309 -5.34 19.10 -3.86
CA SER B 309 -4.06 19.68 -3.47
C SER B 309 -4.31 20.85 -2.53
N THR B 310 -3.51 20.92 -1.47
CA THR B 310 -3.56 22.08 -0.58
C THR B 310 -3.50 23.36 -1.41
N ASN B 311 -2.40 23.56 -2.12
CA ASN B 311 -2.54 24.49 -3.22
C ASN B 311 -2.20 23.79 -4.53
N PRO B 312 -2.94 24.06 -5.60
CA PRO B 312 -2.72 23.29 -6.83
C PRO B 312 -1.41 23.71 -7.48
N GLY B 313 -0.63 22.73 -7.92
CA GLY B 313 0.67 23.04 -8.47
C GLY B 313 1.77 22.13 -7.99
N VAL B 314 2.37 22.42 -6.85
CA VAL B 314 3.46 21.62 -6.29
C VAL B 314 3.02 21.13 -4.91
N GLY B 315 3.18 19.84 -4.67
CA GLY B 315 2.84 19.24 -3.41
C GLY B 315 1.97 18.03 -3.67
N PRO B 316 1.50 17.39 -2.62
CA PRO B 316 0.76 16.13 -2.80
C PRO B 316 -0.69 16.36 -3.22
N TYR B 317 -1.29 15.28 -3.71
CA TYR B 317 -2.72 15.16 -4.00
C TYR B 317 -3.23 14.06 -3.10
N HIS B 318 -3.89 14.44 -2.00
CA HIS B 318 -4.45 13.53 -1.01
C HIS B 318 -5.92 13.21 -1.35
N ASP B 319 -6.38 12.05 -0.87
CA ASP B 319 -7.79 11.71 -0.96
C ASP B 319 -8.63 12.79 -0.26
N TRP B 320 -9.73 13.20 -0.90
CA TRP B 320 -10.57 14.29 -0.40
C TRP B 320 -12.03 14.03 -0.77
N PHE B 321 -12.94 14.34 0.16
CA PHE B 321 -14.39 14.20 -0.01
C PHE B 321 -15.05 15.58 0.06
N PHE B 322 -16.21 15.72 -0.61
CA PHE B 322 -17.18 16.76 -0.27
C PHE B 322 -18.58 16.15 -0.41
N LYS B 323 -19.56 16.73 0.32
CA LYS B 323 -20.94 16.26 0.26
C LYS B 323 -21.77 17.15 -0.65
N TYR B 324 -22.80 16.56 -1.25
CA TYR B 324 -23.87 17.32 -1.90
C TYR B 324 -25.21 16.82 -1.36
N LYS B 325 -25.81 17.55 -0.44
CA LYS B 325 -27.10 17.17 0.15
C LYS B 325 -28.24 17.85 -0.63
N PHE B 326 -29.32 17.12 -0.83
CA PHE B 326 -30.47 17.62 -1.60
C PHE B 326 -31.51 18.22 -0.66
N GLU B 327 -31.91 19.47 -0.91
CA GLU B 327 -32.70 20.15 0.12
C GLU B 327 -34.17 19.80 0.03
N GLU B 328 -34.63 19.20 -1.05
CA GLU B 328 -36.03 18.83 -1.11
C GLU B 328 -36.16 17.55 -1.92
N PRO B 329 -37.16 16.69 -1.60
CA PRO B 329 -38.25 16.95 -0.64
C PRO B 329 -37.88 16.74 0.83
N TYR B 330 -36.59 16.74 1.17
CA TYR B 330 -36.19 16.31 2.51
C TYR B 330 -36.41 17.39 3.56
N LEU B 331 -36.29 18.68 3.20
CA LEU B 331 -36.64 19.72 4.17
C LEU B 331 -38.11 19.61 4.55
N MET B 332 -38.97 19.36 3.57
CA MET B 332 -40.39 19.17 3.85
C MET B 332 -40.63 17.90 4.66
N TYR B 333 -39.92 16.81 4.31
CA TYR B 333 -40.09 15.57 5.07
C TYR B 333 -39.72 15.77 6.53
N ARG B 334 -38.61 16.49 6.79
CA ARG B 334 -38.20 16.67 8.19
C ARG B 334 -39.19 17.55 8.92
N GLN B 335 -39.86 18.46 8.20
CA GLN B 335 -40.87 19.26 8.87
C GLN B 335 -42.11 18.43 9.20
N TRP B 336 -42.52 17.55 8.27
CA TRP B 336 -43.64 16.65 8.57
C TRP B 336 -43.33 15.76 9.77
N ARG B 337 -42.10 15.29 9.87
CA ARG B 337 -41.74 14.50 11.04
C ARG B 337 -41.75 15.34 12.30
N GLU B 338 -41.24 16.57 12.24
CA GLU B 338 -41.28 17.42 13.42
C GLU B 338 -42.72 17.74 13.82
N CYS B 339 -43.59 17.98 12.84
CA CYS B 339 -44.98 18.34 13.12
C CYS B 339 -45.75 17.17 13.71
N THR B 340 -45.46 15.96 13.25
CA THR B 340 -46.15 14.82 13.80
C THR B 340 -45.71 14.57 15.23
N LYS B 341 -44.41 14.65 15.49
CA LYS B 341 -43.90 14.47 16.85
C LYS B 341 -44.46 15.56 17.78
N ALA B 342 -44.60 16.79 17.28
CA ALA B 342 -45.14 17.85 18.12
C ALA B 342 -46.59 17.59 18.46
N LEU B 343 -47.33 16.96 17.54
CA LEU B 343 -48.76 16.85 17.69
C LEU B 343 -49.15 15.70 18.60
N ILE B 344 -48.19 14.84 18.95
CA ILE B 344 -48.41 13.80 19.94
C ILE B 344 -48.07 14.28 21.35
N SER B 345 -46.99 15.04 21.52
CA SER B 345 -46.59 15.53 22.82
C SER B 345 -47.38 16.75 23.28
N GLY B 346 -48.51 17.06 22.66
CA GLY B 346 -49.30 18.17 23.14
C GLY B 346 -48.79 19.56 22.81
N LYS B 347 -47.96 19.73 21.78
CA LYS B 347 -47.46 21.03 21.35
C LYS B 347 -47.97 21.34 19.95
N GLN B 348 -48.33 22.59 19.71
CA GLN B 348 -48.82 22.96 18.38
C GLN B 348 -47.70 22.82 17.36
N PRO B 349 -47.89 22.04 16.31
CA PRO B 349 -46.85 21.99 15.27
C PRO B 349 -46.66 23.37 14.67
N LYS B 350 -45.41 23.77 14.55
CA LYS B 350 -45.06 24.98 13.82
C LYS B 350 -44.83 24.63 12.35
N ILE B 351 -45.53 25.34 11.48
CA ILE B 351 -45.37 25.18 10.04
C ILE B 351 -44.55 26.36 9.53
N LYS B 352 -43.44 26.08 8.85
CA LYS B 352 -42.47 27.10 8.46
C LYS B 352 -42.36 27.25 6.95
N LYS B 353 -42.34 26.14 6.22
CA LYS B 353 -42.43 26.12 4.76
C LYS B 353 -43.52 25.13 4.35
N HIS B 354 -43.93 25.19 3.08
CA HIS B 354 -44.85 24.21 2.53
C HIS B 354 -46.19 24.22 3.25
N VAL B 355 -46.70 25.42 3.50
CA VAL B 355 -47.86 25.62 4.36
C VAL B 355 -49.06 24.80 3.88
N LYS B 356 -49.40 24.89 2.60
CA LYS B 356 -50.66 24.32 2.15
C LYS B 356 -50.65 22.79 2.25
N ILE B 357 -49.60 22.16 1.73
CA ILE B 357 -49.58 20.71 1.79
C ILE B 357 -49.29 20.24 3.21
N THR B 358 -48.54 21.01 4.00
CA THR B 358 -48.31 20.60 5.38
C THR B 358 -49.61 20.62 6.17
N GLU B 359 -50.47 21.60 5.96
CA GLU B 359 -51.71 21.58 6.72
C GLU B 359 -52.63 20.48 6.21
N GLU B 360 -52.51 20.12 4.93
CA GLU B 360 -53.18 18.92 4.42
C GLU B 360 -52.62 17.68 5.10
N TYR B 361 -51.29 17.60 5.24
CA TYR B 361 -50.70 16.44 5.91
C TYR B 361 -51.10 16.38 7.38
N LEU B 362 -51.15 17.53 8.07
CA LEU B 362 -51.53 17.50 9.48
C LEU B 362 -52.99 17.10 9.65
N LEU B 363 -53.87 17.59 8.78
CA LEU B 363 -55.26 17.14 8.85
C LEU B 363 -55.34 15.63 8.68
N TYR B 364 -54.51 15.07 7.80
CA TYR B 364 -54.55 13.65 7.49
C TYR B 364 -54.01 12.84 8.64
N ALA B 365 -52.85 13.27 9.18
CA ALA B 365 -52.27 12.65 10.35
C ALA B 365 -53.19 12.76 11.56
N ARG B 366 -53.94 13.85 11.67
CA ARG B 366 -54.79 13.96 12.85
C ARG B 366 -55.91 12.93 12.79
N LYS B 367 -56.42 12.67 11.58
CA LYS B 367 -57.49 11.69 11.43
C LYS B 367 -56.97 10.27 11.59
N ARG B 368 -55.80 9.96 11.04
CA ARG B 368 -55.27 8.62 11.21
C ARG B 368 -54.86 8.36 12.66
N LEU B 369 -54.40 9.40 13.38
CA LEU B 369 -54.00 9.23 14.77
C LEU B 369 -55.21 9.11 15.68
N ALA B 370 -56.29 9.82 15.39
CA ALA B 370 -57.51 9.64 16.17
C ALA B 370 -58.21 8.33 15.81
N ALA B 371 -58.00 7.84 14.58
CA ALA B 371 -58.76 6.69 14.07
C ALA B 371 -58.61 5.47 14.95
N ASP B 372 -57.38 4.99 15.10
CA ASP B 372 -57.07 3.98 16.10
C ASP B 372 -55.97 4.64 16.92
N PRO B 373 -56.16 4.88 18.23
CA PRO B 373 -55.12 5.62 18.97
C PRO B 373 -53.77 4.92 18.96
N LYS B 374 -53.68 3.61 19.23
CA LYS B 374 -52.36 3.07 19.54
C LYS B 374 -51.42 3.09 18.34
N LEU B 375 -51.93 3.56 17.19
CA LEU B 375 -51.05 4.18 16.18
C LEU B 375 -50.32 5.39 16.77
N ALA B 376 -51.00 6.15 17.65
CA ALA B 376 -50.48 7.35 18.33
C ALA B 376 -49.33 7.07 19.30
N LYS B 377 -49.01 5.80 19.56
CA LYS B 377 -48.06 5.46 20.61
C LYS B 377 -46.67 5.10 20.10
N LEU B 378 -46.58 4.62 18.86
CA LEU B 378 -45.33 4.31 18.15
C LEU B 378 -44.63 5.51 17.54
N TYR B 379 -45.27 6.66 17.43
CA TYR B 379 -44.76 7.73 16.58
C TYR B 379 -43.83 8.71 17.27
N ASN B 380 -43.68 8.63 18.60
CA ASN B 380 -42.69 9.43 19.32
C ASN B 380 -41.30 9.27 18.72
N GLN B 381 -40.80 10.31 18.08
CA GLN B 381 -39.47 10.45 17.44
C GLN B 381 -39.25 9.51 16.22
N ASN B 382 -39.04 8.17 16.38
CA ASN B 382 -38.60 7.35 15.22
C ASN B 382 -39.75 6.66 14.47
N HIS B 383 -40.43 5.69 15.07
CA HIS B 383 -40.99 4.55 14.33
C HIS B 383 -42.41 4.84 13.83
N GLY B 384 -42.64 4.52 12.56
CA GLY B 384 -43.88 4.71 11.84
C GLY B 384 -44.13 6.10 11.30
N ILE B 385 -43.21 7.06 11.49
CA ILE B 385 -43.45 8.40 10.93
C ILE B 385 -43.23 8.40 9.43
N ILE B 386 -42.23 7.66 8.93
CA ILE B 386 -42.01 7.58 7.49
C ILE B 386 -43.18 6.87 6.80
N LYS B 387 -43.73 5.84 7.43
CA LYS B 387 -44.93 5.21 6.91
C LYS B 387 -46.06 6.24 6.74
N LEU B 388 -46.26 7.09 7.76
CA LEU B 388 -47.31 8.09 7.69
C LEU B 388 -47.10 9.03 6.51
N ARG B 389 -45.85 9.37 6.22
CA ARG B 389 -45.56 10.24 5.09
C ARG B 389 -45.89 9.56 3.77
N ASN B 390 -45.48 8.30 3.59
CA ASN B 390 -45.73 7.70 2.28
C ASN B 390 -47.19 7.32 2.11
N ASP B 391 -47.91 7.17 3.22
CA ASP B 391 -49.34 6.91 3.19
C ASP B 391 -50.09 8.16 2.74
N PHE B 392 -49.63 9.33 3.18
CA PHE B 392 -50.30 10.56 2.79
C PHE B 392 -49.95 10.89 1.33
N LEU B 393 -48.67 10.76 0.96
CA LEU B 393 -48.27 10.89 -0.44
C LEU B 393 -49.09 9.96 -1.33
N GLU B 394 -49.40 8.76 -0.84
CA GLU B 394 -50.23 7.84 -1.61
C GLU B 394 -51.67 8.34 -1.72
N TYR B 395 -52.19 8.91 -0.63
CA TYR B 395 -53.59 9.35 -0.61
C TYR B 395 -53.80 10.59 -1.47
N LYS B 396 -52.74 11.35 -1.66
CA LYS B 396 -52.73 12.47 -2.59
C LYS B 396 -52.31 12.03 -3.97
N ASN B 397 -51.97 10.76 -4.13
CA ASN B 397 -51.42 10.19 -5.37
C ASN B 397 -50.38 11.14 -5.95
N MET B 398 -49.33 11.35 -5.16
CA MET B 398 -48.36 12.41 -5.38
C MET B 398 -46.97 11.88 -5.03
N LYS B 399 -45.97 12.32 -5.80
CA LYS B 399 -44.60 12.08 -5.41
C LYS B 399 -44.15 13.19 -4.49
N GLY B 400 -43.24 12.87 -3.58
CA GLY B 400 -42.81 13.84 -2.60
C GLY B 400 -42.28 15.12 -3.23
N THR B 401 -41.58 15.00 -4.36
CA THR B 401 -41.02 16.19 -4.98
C THR B 401 -42.09 17.07 -5.61
N ASP B 402 -43.23 16.47 -5.97
CA ASP B 402 -44.34 17.26 -6.47
C ASP B 402 -45.12 17.91 -5.32
N ALA B 403 -45.13 17.27 -4.14
CA ALA B 403 -45.73 17.92 -2.99
C ALA B 403 -44.85 19.06 -2.48
N ALA B 404 -43.54 18.88 -2.55
CA ALA B 404 -42.64 19.97 -2.18
C ALA B 404 -42.60 21.08 -3.22
N ASN B 405 -43.21 20.88 -4.39
CA ASN B 405 -43.22 21.91 -5.41
C ASN B 405 -44.64 22.29 -5.81
N LEU B 406 -45.62 22.02 -4.94
CA LEU B 406 -46.76 22.91 -4.82
C LEU B 406 -46.33 24.30 -4.36
N GLU B 407 -45.06 24.44 -3.98
CA GLU B 407 -44.42 25.61 -3.37
C GLU B 407 -44.74 26.92 -4.09
#